data_4CVQ
#
_entry.id   4CVQ
#
_cell.length_a   59.780
_cell.length_b   152.130
_cell.length_c   174.240
_cell.angle_alpha   90.00
_cell.angle_beta   90.00
_cell.angle_gamma   90.00
#
_symmetry.space_group_name_H-M   'C 2 2 21'
#
loop_
_entity.id
_entity.type
_entity.pdbx_description
1 polymer 'GLUTAMATE-PYRUVATE AMINOTRANSFERASE ALAA'
2 non-polymer "PYRIDOXAL-5'-PHOSPHATE"
3 non-polymer 'ACETATE ION'
4 non-polymer GLYCEROL
5 water water
#
_entity_poly.entity_id   1
_entity_poly.type   'polypeptide(L)'
_entity_poly.pdbx_seq_one_letter_code
;MKHHHHHHPMSDYDIPTTENLYFEGAMSPIEKSSKLENVCYDIRGPVLKEAKRLEEEGNKVLKLNIGNPAPFGFDAPDEI
LVDVIRNLPTAQGYCDSKGLYSARKAIMQHYQARGMRDVTVEDIYIGNGVSELIVQAMQALLNSGDEMLVPAPDYPLWTA
AVSLSSGKAVHYLCDESSDWFPDLDDIRAKITPRTRGIVIINPNNPTGAVYSKELLMEIVEIARQHNLIIFADEIYDKIL
YDDAEHHSIAPLAPDLLTITFNGLSKTYRVAGFRQGWMVLNGPKKHAKGYIEGLEMLASMRLCANVPAQHAIQTALGGYQ
SISEFITPGGRLYEQRNRAWELINDIPGVSCVKPRGALYMFPKIDAKRFNIHDDQKMVLDFLLQEKVLLVQGTAFNWPWP
DHFRIVTLPRVDDIELSLSKFARFLSGYHQL
;
_entity_poly.pdbx_strand_id   A,B
#
# COMPACT_ATOMS: atom_id res chain seq x y z
N MET A 27 28.15 -14.67 -6.44
CA MET A 27 26.91 -14.82 -5.68
C MET A 27 27.01 -14.15 -4.32
N SER A 28 27.23 -12.83 -4.34
CA SER A 28 27.34 -12.06 -3.10
C SER A 28 26.00 -12.00 -2.37
N PRO A 29 26.05 -12.03 -1.04
CA PRO A 29 24.85 -11.99 -0.19
C PRO A 29 24.02 -10.73 -0.41
N ILE A 30 22.70 -10.89 -0.44
CA ILE A 30 21.78 -9.77 -0.57
C ILE A 30 21.03 -9.56 0.74
N GLU A 31 21.52 -8.63 1.55
CA GLU A 31 20.91 -8.37 2.85
C GLU A 31 19.72 -7.44 2.72
N LYS A 32 18.93 -7.33 3.79
CA LYS A 32 17.84 -6.37 3.82
C LYS A 32 18.44 -4.98 3.95
N SER A 33 17.72 -3.98 3.42
CA SER A 33 18.20 -2.61 3.41
C SER A 33 18.44 -2.10 4.82
N SER A 34 19.31 -1.09 4.93
CA SER A 34 19.68 -0.51 6.22
C SER A 34 18.47 0.08 6.95
N LYS A 35 17.49 0.57 6.19
CA LYS A 35 16.31 1.20 6.78
C LYS A 35 15.42 0.20 7.51
N LEU A 36 15.69 -1.09 7.33
CA LEU A 36 14.89 -2.13 7.97
C LEU A 36 15.62 -2.80 9.13
N GLU A 37 16.82 -2.31 9.43
CA GLU A 37 17.64 -2.92 10.46
C GLU A 37 17.00 -2.84 11.85
N ASN A 38 16.35 -1.72 12.12
CA ASN A 38 15.71 -1.50 13.43
C ASN A 38 14.19 -1.58 13.34
N VAL A 39 13.70 -2.52 12.56
CA VAL A 39 12.26 -2.70 12.37
C VAL A 39 11.86 -4.12 12.79
N CYS A 40 10.76 -4.23 13.52
CA CYS A 40 10.33 -5.54 14.03
C CYS A 40 8.90 -5.91 13.62
N TYR A 41 7.91 -5.21 14.18
CA TYR A 41 6.50 -5.58 14.06
C TYR A 41 6.32 -7.09 14.22
N ASP A 42 6.41 -7.57 15.45
CA ASP A 42 6.39 -9.01 15.68
C ASP A 42 5.08 -9.51 16.27
N ILE A 43 3.98 -8.91 15.83
CA ILE A 43 2.67 -9.51 16.01
C ILE A 43 2.60 -10.73 15.09
N ARG A 44 3.38 -10.66 14.02
CA ARG A 44 3.53 -11.76 13.08
C ARG A 44 5.02 -12.05 12.83
N GLY A 45 5.51 -13.20 13.29
CA GLY A 45 6.90 -13.54 13.10
C GLY A 45 7.32 -14.94 13.53
N PRO A 46 8.47 -15.08 14.17
CA PRO A 46 9.02 -16.40 14.44
C PRO A 46 8.16 -17.29 15.33
N VAL A 47 7.56 -16.75 16.38
CA VAL A 47 6.61 -17.49 17.15
C VAL A 47 5.38 -17.81 16.33
N LEU A 48 4.94 -16.87 15.51
CA LEU A 48 3.82 -17.14 14.64
C LEU A 48 4.21 -18.22 13.67
N LYS A 49 5.45 -18.17 13.23
CA LYS A 49 5.94 -19.15 12.31
C LYS A 49 5.86 -20.52 12.93
N GLU A 50 6.21 -20.62 14.19
CA GLU A 50 6.14 -21.88 14.89
C GLU A 50 4.73 -22.40 14.99
N ALA A 51 3.79 -21.53 15.24
CA ALA A 51 2.42 -21.97 15.36
C ALA A 51 1.90 -22.58 14.08
N LYS A 52 2.22 -21.97 12.94
CA LYS A 52 1.79 -22.52 11.67
C LYS A 52 2.40 -23.89 11.37
N ARG A 53 3.63 -24.04 11.74
CA ARG A 53 4.30 -25.33 11.61
C ARG A 53 3.51 -26.37 12.41
N LEU A 54 3.11 -25.99 13.61
CA LEU A 54 2.31 -26.84 14.47
C LEU A 54 0.98 -27.17 13.83
N GLU A 55 0.39 -26.20 13.12
CA GLU A 55 -0.90 -26.40 12.48
C GLU A 55 -0.77 -27.31 11.27
N GLU A 56 0.36 -27.24 10.58
CA GLU A 56 0.63 -28.12 9.44
C GLU A 56 0.81 -29.56 9.88
N GLU A 57 1.32 -29.64 11.09
CA GLU A 57 1.83 -30.84 11.66
C GLU A 57 0.72 -31.59 12.33
N GLY A 58 -0.51 -31.09 12.23
CA GLY A 58 -1.60 -31.77 12.87
C GLY A 58 -2.06 -31.27 14.22
N ASN A 59 -1.61 -30.10 14.63
CA ASN A 59 -2.08 -29.48 15.86
C ASN A 59 -2.99 -28.31 15.62
N LYS A 60 -4.09 -28.26 16.34
CA LYS A 60 -4.98 -27.14 16.26
C LYS A 60 -4.55 -26.06 17.26
N VAL A 61 -4.41 -24.84 16.80
CA VAL A 61 -3.86 -23.78 17.61
C VAL A 61 -4.81 -22.62 17.75
N LEU A 62 -4.95 -22.16 18.96
CA LEU A 62 -5.81 -21.01 19.23
C LEU A 62 -4.99 -19.73 19.15
N LYS A 63 -5.09 -19.03 18.03
CA LYS A 63 -4.29 -17.83 17.80
C LYS A 63 -4.97 -16.57 18.31
N LEU A 64 -4.44 -16.02 19.39
CA LEU A 64 -4.96 -14.79 19.98
C LEU A 64 -3.98 -13.65 19.80
N ASN A 65 -3.21 -13.70 18.71
CA ASN A 65 -2.13 -12.75 18.49
C ASN A 65 -2.57 -11.50 17.74
N ILE A 66 -3.69 -11.58 17.03
CA ILE A 66 -4.11 -10.49 16.15
C ILE A 66 -5.58 -10.11 16.36
N GLY A 67 -5.86 -8.81 16.27
CA GLY A 67 -7.22 -8.33 16.35
C GLY A 67 -7.98 -8.51 15.05
N ASN A 68 -8.20 -9.76 14.68
CA ASN A 68 -8.92 -10.10 13.46
C ASN A 68 -10.32 -10.64 13.78
N PRO A 69 -11.35 -9.80 13.63
CA PRO A 69 -12.73 -10.12 14.02
C PRO A 69 -13.32 -11.36 13.34
N ALA A 70 -13.09 -11.52 12.03
CA ALA A 70 -13.77 -12.53 11.23
C ALA A 70 -13.60 -13.99 11.72
N PRO A 71 -12.36 -14.42 12.03
CA PRO A 71 -12.27 -15.81 12.49
C PRO A 71 -12.88 -16.06 13.87
N PHE A 72 -13.27 -14.99 14.56
CA PHE A 72 -13.91 -15.13 15.86
C PHE A 72 -15.42 -14.93 15.78
N GLY A 73 -16.00 -15.28 14.63
CA GLY A 73 -17.44 -15.27 14.48
C GLY A 73 -18.05 -13.89 14.24
N PHE A 74 -17.20 -12.89 14.02
CA PHE A 74 -17.70 -11.58 13.66
C PHE A 74 -17.95 -11.51 12.16
N ASP A 75 -19.16 -11.12 11.79
CA ASP A 75 -19.54 -11.05 10.38
C ASP A 75 -19.71 -9.61 9.93
N ALA A 76 -19.48 -9.37 8.64
CA ALA A 76 -19.65 -8.04 8.06
C ALA A 76 -21.10 -7.60 8.17
N PRO A 77 -21.32 -6.34 8.60
CA PRO A 77 -22.65 -5.74 8.62
C PRO A 77 -23.31 -5.88 7.25
N ASP A 78 -24.38 -6.66 7.17
CA ASP A 78 -24.96 -7.02 5.88
C ASP A 78 -25.39 -5.81 5.05
N GLU A 79 -25.56 -4.67 5.71
CA GLU A 79 -25.87 -3.44 4.98
C GLU A 79 -24.63 -2.97 4.21
N ILE A 80 -23.46 -3.22 4.77
CA ILE A 80 -22.19 -2.91 4.10
C ILE A 80 -21.98 -3.85 2.92
N LEU A 81 -22.29 -5.13 3.12
CA LEU A 81 -22.13 -6.14 2.08
C LEU A 81 -22.97 -5.84 0.84
N VAL A 82 -24.25 -5.53 1.05
CA VAL A 82 -25.15 -5.31 -0.08
C VAL A 82 -24.80 -4.03 -0.85
N ASP A 83 -24.14 -3.08 -0.18
CA ASP A 83 -23.77 -1.83 -0.84
C ASP A 83 -22.51 -2.00 -1.66
N VAL A 84 -21.58 -2.82 -1.17
CA VAL A 84 -20.36 -3.12 -1.91
C VAL A 84 -20.68 -3.99 -3.12
N ILE A 85 -21.51 -5.00 -2.91
CA ILE A 85 -21.90 -5.91 -3.99
C ILE A 85 -22.59 -5.16 -5.12
N ARG A 86 -23.52 -4.28 -4.78
CA ARG A 86 -24.30 -3.54 -5.78
C ARG A 86 -23.44 -2.53 -6.55
N ASN A 87 -22.37 -2.05 -5.91
CA ASN A 87 -21.51 -1.03 -6.53
C ASN A 87 -20.24 -1.60 -7.15
N LEU A 88 -20.04 -2.90 -6.98
CA LEU A 88 -18.84 -3.57 -7.50
C LEU A 88 -18.66 -3.46 -9.02
N PRO A 89 -19.74 -3.67 -9.82
CA PRO A 89 -19.52 -3.56 -11.26
C PRO A 89 -19.18 -2.15 -11.74
N THR A 90 -19.42 -1.15 -10.89
CA THR A 90 -19.17 0.23 -11.26
C THR A 90 -17.81 0.73 -10.74
N ALA A 91 -17.11 -0.15 -10.02
CA ALA A 91 -15.86 0.24 -9.37
C ALA A 91 -14.67 -0.58 -9.85
N GLN A 92 -14.60 -0.82 -11.17
N GLN A 92 -14.60 -0.80 -11.16
CA GLN A 92 -13.54 -1.64 -11.73
CA GLN A 92 -13.57 -1.64 -11.75
C GLN A 92 -12.29 -0.83 -12.03
C GLN A 92 -12.31 -0.85 -12.12
N GLY A 93 -12.46 0.46 -12.25
CA GLY A 93 -11.34 1.32 -12.65
C GLY A 93 -10.73 2.14 -11.53
N TYR A 94 -9.59 2.76 -11.84
CA TYR A 94 -8.93 3.68 -10.91
C TYR A 94 -9.86 4.84 -10.56
N CYS A 95 -9.87 5.22 -9.29
CA CYS A 95 -10.57 6.43 -8.87
C CYS A 95 -9.53 7.50 -8.56
N ASP A 96 -9.98 8.64 -8.04
CA ASP A 96 -9.07 9.69 -7.61
C ASP A 96 -8.11 9.14 -6.56
N SER A 97 -6.87 9.65 -6.55
CA SER A 97 -5.84 9.14 -5.66
C SER A 97 -6.24 9.24 -4.20
N LYS A 98 -6.86 10.35 -3.81
CA LYS A 98 -7.30 10.53 -2.44
C LYS A 98 -8.50 9.67 -2.10
N GLY A 99 -9.19 9.18 -3.14
CA GLY A 99 -10.30 8.26 -2.95
C GLY A 99 -11.61 8.74 -3.54
N LEU A 100 -12.60 7.86 -3.51
CA LEU A 100 -13.93 8.15 -4.04
C LEU A 100 -14.54 9.38 -3.38
N TYR A 101 -15.21 10.20 -4.17
CA TYR A 101 -15.75 11.47 -3.67
C TYR A 101 -16.86 11.27 -2.64
N SER A 102 -17.80 10.38 -2.94
CA SER A 102 -18.91 10.11 -2.04
C SER A 102 -18.43 9.50 -0.72
N ALA A 103 -17.37 8.71 -0.79
CA ALA A 103 -16.79 8.10 0.39
C ALA A 103 -16.12 9.16 1.26
N ARG A 104 -15.34 10.03 0.63
CA ARG A 104 -14.69 11.13 1.34
C ARG A 104 -15.72 12.13 1.83
N LYS A 105 -16.86 12.18 1.16
CA LYS A 105 -17.95 13.06 1.57
C LYS A 105 -18.49 12.65 2.93
N ALA A 106 -18.63 11.35 3.13
CA ALA A 106 -19.12 10.81 4.39
C ALA A 106 -18.16 11.11 5.53
N ILE A 107 -16.87 10.92 5.27
CA ILE A 107 -15.83 11.18 6.25
C ILE A 107 -15.83 12.64 6.66
N MET A 108 -15.98 13.53 5.67
CA MET A 108 -16.04 14.95 5.94
C MET A 108 -17.19 15.29 6.88
N GLN A 109 -18.38 14.77 6.57
CA GLN A 109 -19.57 15.01 7.36
C GLN A 109 -19.46 14.41 8.76
N HIS A 110 -18.83 13.25 8.86
CA HIS A 110 -18.66 12.57 10.13
C HIS A 110 -17.86 13.42 11.11
N TYR A 111 -16.78 14.04 10.62
CA TYR A 111 -15.95 14.88 11.45
C TYR A 111 -16.50 16.30 11.53
N GLN A 112 -17.37 16.65 10.58
CA GLN A 112 -18.10 17.91 10.64
C GLN A 112 -18.99 17.94 11.88
N ALA A 113 -19.57 16.79 12.20
CA ALA A 113 -20.50 16.68 13.31
C ALA A 113 -19.79 16.67 14.67
N ARG A 114 -18.48 16.44 14.65
CA ARG A 114 -17.72 16.38 15.89
C ARG A 114 -16.80 17.59 16.05
N GLY A 115 -17.20 18.71 15.44
CA GLY A 115 -16.52 19.97 15.64
C GLY A 115 -15.20 20.13 14.93
N MET A 116 -15.13 19.74 13.67
CA MET A 116 -13.99 20.01 12.83
C MET A 116 -14.56 20.59 11.56
N ARG A 117 -15.13 21.77 11.67
CA ARG A 117 -16.03 22.29 10.66
C ARG A 117 -15.34 22.89 9.45
N ASP A 118 -14.03 22.95 9.47
CA ASP A 118 -13.31 23.42 8.31
C ASP A 118 -12.81 22.35 7.32
N VAL A 119 -13.08 21.07 7.58
CA VAL A 119 -12.54 20.03 6.75
C VAL A 119 -13.23 19.91 5.42
N THR A 120 -12.44 19.77 4.35
CA THR A 120 -12.98 19.54 3.01
C THR A 120 -12.54 18.18 2.49
N VAL A 121 -12.98 17.83 1.29
CA VAL A 121 -12.59 16.56 0.68
C VAL A 121 -11.09 16.50 0.38
N GLU A 122 -10.47 17.66 0.19
CA GLU A 122 -9.06 17.73 -0.15
C GLU A 122 -8.17 17.39 1.05
N ASP A 123 -8.75 17.38 2.24
CA ASP A 123 -8.01 17.10 3.46
C ASP A 123 -8.11 15.64 3.88
N ILE A 124 -8.74 14.83 3.03
CA ILE A 124 -9.02 13.44 3.37
C ILE A 124 -8.35 12.46 2.41
N TYR A 125 -7.60 11.51 2.96
CA TYR A 125 -6.94 10.48 2.16
C TYR A 125 -7.47 9.10 2.50
N ILE A 126 -8.02 8.41 1.52
CA ILE A 126 -8.46 7.03 1.71
C ILE A 126 -7.38 6.07 1.23
N GLY A 127 -6.98 5.14 2.10
CA GLY A 127 -5.95 4.18 1.76
C GLY A 127 -6.39 2.75 2.00
N ASN A 128 -5.53 1.80 1.65
CA ASN A 128 -5.82 0.38 1.86
C ASN A 128 -5.65 0.01 3.32
N GLY A 129 -6.57 0.48 4.15
CA GLY A 129 -6.44 0.32 5.59
C GLY A 129 -5.63 1.46 6.17
N VAL A 130 -5.73 1.64 7.49
CA VAL A 130 -4.99 2.70 8.17
C VAL A 130 -3.49 2.46 8.08
N SER A 131 -3.10 1.18 8.04
CA SER A 131 -1.70 0.78 8.01
C SER A 131 -0.90 1.47 6.91
N GLU A 132 -1.45 1.49 5.70
CA GLU A 132 -0.80 2.11 4.56
C GLU A 132 -0.61 3.61 4.79
N LEU A 133 -1.61 4.24 5.39
CA LEU A 133 -1.59 5.69 5.60
C LEU A 133 -0.60 6.10 6.68
N ILE A 134 -0.47 5.25 7.71
CA ILE A 134 0.49 5.49 8.78
C ILE A 134 1.90 5.53 8.21
N VAL A 135 2.22 4.57 7.36
CA VAL A 135 3.52 4.53 6.73
C VAL A 135 3.77 5.73 5.84
N GLN A 136 2.80 6.05 5.04
CA GLN A 136 2.93 7.15 4.13
C GLN A 136 3.09 8.48 4.84
N ALA A 137 2.37 8.63 5.93
CA ALA A 137 2.42 9.87 6.68
C ALA A 137 3.81 10.11 7.26
N MET A 138 4.49 9.03 7.62
CA MET A 138 5.83 9.11 8.16
C MET A 138 6.88 9.28 7.07
N GLN A 139 6.71 8.58 5.96
CA GLN A 139 7.65 8.65 4.83
C GLN A 139 7.79 10.08 4.31
N ALA A 140 6.67 10.79 4.21
CA ALA A 140 6.67 12.14 3.66
C ALA A 140 7.14 13.18 4.66
N LEU A 141 7.20 12.81 5.93
CA LEU A 141 7.54 13.77 6.98
C LEU A 141 8.99 13.67 7.44
N LEU A 142 9.40 12.44 7.78
CA LEU A 142 10.64 12.24 8.51
C LEU A 142 11.91 12.20 7.67
N ASN A 143 12.89 12.98 8.08
CA ASN A 143 14.25 12.86 7.56
C ASN A 143 15.09 12.08 8.55
N SER A 144 16.29 11.69 8.13
CA SER A 144 17.16 10.87 8.96
C SER A 144 17.54 11.58 10.26
N GLY A 145 17.12 11.02 11.38
CA GLY A 145 17.43 11.59 12.68
C GLY A 145 16.24 12.28 13.33
N ASP A 146 15.23 12.60 12.52
CA ASP A 146 14.02 13.21 13.04
C ASP A 146 13.31 12.28 14.02
N GLU A 147 12.82 12.84 15.11
CA GLU A 147 12.25 12.04 16.18
C GLU A 147 10.72 12.14 16.24
N MET A 148 10.08 11.00 16.41
CA MET A 148 8.64 10.94 16.64
C MET A 148 8.36 10.36 18.01
N LEU A 149 7.57 11.08 18.81
CA LEU A 149 7.16 10.57 20.11
C LEU A 149 6.10 9.50 19.92
N VAL A 150 6.40 8.30 20.42
CA VAL A 150 5.54 7.13 20.26
C VAL A 150 5.28 6.52 21.63
N PRO A 151 4.03 6.15 21.93
CA PRO A 151 3.74 5.59 23.25
C PRO A 151 4.46 4.26 23.50
N ALA A 152 4.70 3.97 24.78
CA ALA A 152 5.17 2.65 25.19
C ALA A 152 4.26 2.13 26.28
N PRO A 153 3.54 1.02 26.02
CA PRO A 153 3.58 0.24 24.78
C PRO A 153 2.86 0.90 23.60
N ASP A 154 3.20 0.49 22.40
CA ASP A 154 2.60 1.06 21.20
C ASP A 154 1.97 -0.01 20.32
N TYR A 155 1.27 0.43 19.29
CA TYR A 155 0.98 -0.45 18.17
C TYR A 155 2.23 -0.44 17.30
N PRO A 156 2.92 -1.59 17.23
CA PRO A 156 4.28 -1.70 16.69
C PRO A 156 4.46 -1.20 15.25
N LEU A 157 3.39 -1.02 14.50
CA LEU A 157 3.51 -0.46 13.16
C LEU A 157 4.02 0.97 13.22
N TRP A 158 3.56 1.72 14.21
CA TRP A 158 3.98 3.11 14.39
C TRP A 158 5.49 3.21 14.55
N THR A 159 6.06 2.38 15.42
CA THR A 159 7.49 2.35 15.61
C THR A 159 8.19 1.90 14.32
N ALA A 160 7.60 0.90 13.67
CA ALA A 160 8.15 0.38 12.41
C ALA A 160 8.13 1.45 11.31
N ALA A 161 7.01 2.16 11.21
CA ALA A 161 6.85 3.18 10.17
C ALA A 161 7.82 4.35 10.38
N VAL A 162 8.02 4.73 11.63
CA VAL A 162 8.96 5.80 11.96
C VAL A 162 10.38 5.40 11.56
N SER A 163 10.79 4.20 11.98
CA SER A 163 12.13 3.68 11.66
C SER A 163 12.32 3.50 10.16
N LEU A 164 11.29 2.97 9.50
CA LEU A 164 11.33 2.74 8.05
C LEU A 164 11.56 4.03 7.28
N SER A 165 11.05 5.14 7.82
CA SER A 165 11.19 6.45 7.19
C SER A 165 12.49 7.14 7.58
N SER A 166 13.41 6.37 8.15
CA SER A 166 14.72 6.83 8.62
C SER A 166 14.61 7.74 9.85
N GLY A 167 13.41 7.88 10.39
CA GLY A 167 13.21 8.65 11.61
C GLY A 167 13.55 7.82 12.82
N LYS A 168 13.55 8.46 14.00
CA LYS A 168 13.82 7.73 15.23
C LYS A 168 12.61 7.75 16.15
N ALA A 169 12.14 6.57 16.52
CA ALA A 169 10.98 6.44 17.41
C ALA A 169 11.40 6.63 18.86
N VAL A 170 11.07 7.79 19.43
CA VAL A 170 11.37 8.07 20.82
C VAL A 170 10.17 7.75 21.68
N HIS A 171 10.30 6.70 22.51
CA HIS A 171 9.15 6.18 23.25
C HIS A 171 8.92 6.89 24.58
N TYR A 172 7.72 7.43 24.75
CA TYR A 172 7.29 7.96 26.04
C TYR A 172 6.48 6.89 26.76
N LEU A 173 6.67 6.79 28.07
CA LEU A 173 6.03 5.74 28.85
C LEU A 173 4.57 6.05 29.18
N CYS A 174 3.74 5.01 29.15
CA CYS A 174 2.38 5.10 29.64
C CYS A 174 2.33 4.48 31.03
N ASP A 175 1.57 5.12 31.94
CA ASP A 175 1.59 4.76 33.35
C ASP A 175 0.52 3.73 33.72
N GLU A 176 0.95 2.48 33.90
CA GLU A 176 0.04 1.40 34.25
C GLU A 176 -0.73 1.66 35.55
N SER A 177 -0.10 2.35 36.49
CA SER A 177 -0.74 2.68 37.76
C SER A 177 -1.74 3.82 37.60
N SER A 178 -1.76 4.44 36.42
CA SER A 178 -2.67 5.53 36.12
C SER A 178 -3.55 5.20 34.91
N ASP A 179 -4.11 4.00 34.90
CA ASP A 179 -4.98 3.54 33.83
C ASP A 179 -4.30 3.57 32.46
N TRP A 180 -3.00 3.30 32.45
CA TRP A 180 -2.20 3.29 31.23
C TRP A 180 -2.23 4.62 30.47
N PHE A 181 -2.48 5.71 31.18
CA PHE A 181 -2.43 7.03 30.56
C PHE A 181 -0.99 7.41 30.29
N PRO A 182 -0.75 8.19 29.22
CA PRO A 182 0.59 8.72 28.95
C PRO A 182 1.11 9.56 30.11
N ASP A 183 2.38 9.40 30.46
CA ASP A 183 2.99 10.23 31.49
C ASP A 183 3.48 11.53 30.86
N LEU A 184 2.83 12.63 31.22
CA LEU A 184 3.11 13.92 30.59
C LEU A 184 4.51 14.43 30.92
N ASP A 185 5.02 14.07 32.09
CA ASP A 185 6.36 14.46 32.47
C ASP A 185 7.40 13.72 31.64
N ASP A 186 7.11 12.46 31.32
CA ASP A 186 8.03 11.64 30.53
C ASP A 186 8.07 12.13 29.08
N ILE A 187 6.92 12.61 28.59
CA ILE A 187 6.85 13.19 27.25
C ILE A 187 7.70 14.45 27.15
N ARG A 188 7.50 15.37 28.10
CA ARG A 188 8.23 16.63 28.12
C ARG A 188 9.73 16.44 28.31
N ALA A 189 10.11 15.37 28.99
CA ALA A 189 11.52 15.10 29.26
C ALA A 189 12.23 14.53 28.04
N LYS A 190 11.47 14.07 27.07
CA LYS A 190 12.06 13.43 25.90
C LYS A 190 11.87 14.25 24.62
N ILE A 191 11.49 15.50 24.78
CA ILE A 191 11.40 16.42 23.65
C ILE A 191 12.77 17.02 23.35
N THR A 192 13.23 16.83 22.11
CA THR A 192 14.50 17.38 21.66
C THR A 192 14.24 18.28 20.45
N PRO A 193 15.24 19.08 20.05
CA PRO A 193 15.05 19.91 18.85
C PRO A 193 14.81 19.11 17.56
N ARG A 194 14.91 17.80 17.64
CA ARG A 194 14.67 16.94 16.48
C ARG A 194 13.24 16.40 16.44
N THR A 195 12.48 16.61 17.52
CA THR A 195 11.12 16.10 17.60
C THR A 195 10.19 16.81 16.62
N ARG A 196 9.53 16.03 15.76
CA ARG A 196 8.66 16.58 14.73
C ARG A 196 7.19 16.50 15.13
N GLY A 197 6.82 15.41 15.79
CA GLY A 197 5.44 15.20 16.20
C GLY A 197 5.28 14.21 17.33
N ILE A 198 4.03 13.94 17.69
CA ILE A 198 3.71 12.98 18.73
C ILE A 198 2.53 12.10 18.30
N VAL A 199 2.66 10.80 18.54
CA VAL A 199 1.60 9.85 18.18
C VAL A 199 0.70 9.56 19.39
N ILE A 200 -0.61 9.66 19.17
CA ILE A 200 -1.58 9.33 20.19
C ILE A 200 -2.49 8.21 19.70
N ILE A 201 -2.45 7.07 20.39
CA ILE A 201 -3.30 5.95 20.05
C ILE A 201 -4.45 5.87 21.05
N ASN A 202 -5.61 6.38 20.65
CA ASN A 202 -6.73 6.55 21.56
C ASN A 202 -8.08 6.23 20.92
N PRO A 203 -8.80 5.22 21.43
CA PRO A 203 -8.48 4.28 22.52
C PRO A 203 -7.24 3.44 22.21
N ASN A 204 -6.57 2.96 23.25
CA ASN A 204 -5.24 2.41 23.09
C ASN A 204 -5.16 0.93 22.75
N ASN A 205 -4.34 0.63 21.76
CA ASN A 205 -3.83 -0.71 21.49
C ASN A 205 -2.37 -0.66 21.94
N PRO A 206 -1.97 -1.54 22.88
CA PRO A 206 -2.63 -2.73 23.45
C PRO A 206 -3.30 -2.59 24.82
N THR A 207 -3.27 -1.42 25.44
CA THR A 207 -3.73 -1.32 26.83
C THR A 207 -5.25 -1.20 26.97
N GLY A 208 -5.93 -0.79 25.90
CA GLY A 208 -7.37 -0.63 25.94
C GLY A 208 -7.79 0.59 26.75
N ALA A 209 -6.88 1.54 26.89
CA ALA A 209 -7.14 2.74 27.69
C ALA A 209 -7.91 3.79 26.90
N VAL A 210 -8.81 4.48 27.58
CA VAL A 210 -9.54 5.60 26.99
C VAL A 210 -9.11 6.90 27.68
N TYR A 211 -8.39 7.73 26.94
CA TYR A 211 -7.82 8.94 27.53
C TYR A 211 -8.88 9.98 27.85
N SER A 212 -8.64 10.76 28.91
CA SER A 212 -9.56 11.82 29.30
C SER A 212 -9.32 13.07 28.48
N LYS A 213 -10.35 13.92 28.40
CA LYS A 213 -10.26 15.19 27.67
C LYS A 213 -9.18 16.07 28.29
N GLU A 214 -9.05 16.02 29.60
CA GLU A 214 -8.09 16.84 30.33
C GLU A 214 -6.67 16.43 29.99
N LEU A 215 -6.42 15.13 29.87
CA LEU A 215 -5.10 14.64 29.48
C LEU A 215 -4.78 15.05 28.04
N LEU A 216 -5.75 14.85 27.15
CA LEU A 216 -5.60 15.21 25.75
C LEU A 216 -5.37 16.70 25.58
N MET A 217 -6.00 17.49 26.45
CA MET A 217 -5.85 18.94 26.40
C MET A 217 -4.42 19.36 26.75
N GLU A 218 -3.79 18.64 27.68
CA GLU A 218 -2.43 18.94 28.09
C GLU A 218 -1.42 18.51 27.03
N ILE A 219 -1.76 17.46 26.30
CA ILE A 219 -0.92 17.01 25.19
C ILE A 219 -0.93 18.05 24.08
N VAL A 220 -2.10 18.65 23.85
CA VAL A 220 -2.22 19.74 22.91
C VAL A 220 -1.34 20.91 23.31
N GLU A 221 -1.36 21.26 24.59
CA GLU A 221 -0.56 22.35 25.13
C GLU A 221 0.93 22.09 24.90
N ILE A 222 1.33 20.83 25.08
CA ILE A 222 2.71 20.42 24.85
C ILE A 222 3.07 20.56 23.37
N ALA A 223 2.16 20.10 22.50
CA ALA A 223 2.35 20.20 21.06
C ALA A 223 2.36 21.64 20.57
N ARG A 224 1.64 22.50 21.30
CA ARG A 224 1.55 23.91 20.95
C ARG A 224 2.85 24.65 21.28
N GLN A 225 3.43 24.35 22.43
CA GLN A 225 4.65 25.02 22.87
C GLN A 225 5.86 24.60 22.04
N HIS A 226 5.90 23.35 21.63
CA HIS A 226 7.06 22.81 20.93
C HIS A 226 6.82 22.63 19.43
N ASN A 227 5.73 23.20 18.93
CA ASN A 227 5.38 23.13 17.50
C ASN A 227 5.37 21.71 16.95
N LEU A 228 4.66 20.82 17.63
CA LEU A 228 4.61 19.42 17.22
C LEU A 228 3.31 19.07 16.49
N ILE A 229 3.45 18.29 15.42
CA ILE A 229 2.29 17.76 14.73
C ILE A 229 1.68 16.63 15.55
N ILE A 230 0.37 16.64 15.72
CA ILE A 230 -0.30 15.57 16.44
C ILE A 230 -0.82 14.51 15.48
N PHE A 231 -0.42 13.27 15.70
CA PHE A 231 -0.92 12.14 14.92
C PHE A 231 -1.82 11.28 15.80
N ALA A 232 -3.11 11.29 15.51
CA ALA A 232 -4.09 10.60 16.33
C ALA A 232 -4.62 9.34 15.66
N ASP A 233 -4.27 8.19 16.23
CA ASP A 233 -4.80 6.91 15.77
C ASP A 233 -6.06 6.59 16.56
N GLU A 234 -7.22 6.98 16.02
CA GLU A 234 -8.49 6.83 16.72
C GLU A 234 -9.35 5.74 16.10
N ILE A 235 -8.72 4.64 15.70
CA ILE A 235 -9.42 3.58 14.99
C ILE A 235 -10.36 2.78 15.89
N TYR A 236 -10.26 2.97 17.20
CA TYR A 236 -11.16 2.28 18.14
C TYR A 236 -12.14 3.23 18.80
N ASP A 237 -12.35 4.39 18.19
CA ASP A 237 -13.13 5.47 18.79
C ASP A 237 -14.58 5.09 19.09
N LYS A 238 -15.06 4.01 18.46
CA LYS A 238 -16.45 3.60 18.66
C LYS A 238 -16.56 2.31 19.50
N ILE A 239 -15.44 1.67 19.77
CA ILE A 239 -15.45 0.50 20.65
C ILE A 239 -15.14 0.95 22.07
N LEU A 240 -16.19 1.26 22.81
CA LEU A 240 -16.07 1.79 24.17
C LEU A 240 -16.91 0.98 25.15
N TYR A 241 -16.49 0.95 26.42
CA TYR A 241 -17.20 0.18 27.42
C TYR A 241 -17.64 1.06 28.60
N ASP A 242 -18.71 0.65 29.27
CA ASP A 242 -19.26 1.40 30.40
C ASP A 242 -19.65 2.81 29.97
N ASP A 243 -19.16 3.81 30.70
CA ASP A 243 -19.47 5.20 30.42
C ASP A 243 -18.32 5.91 29.71
N ALA A 244 -17.46 5.12 29.06
CA ALA A 244 -16.29 5.68 28.40
C ALA A 244 -16.67 6.56 27.21
N GLU A 245 -16.15 7.77 27.20
CA GLU A 245 -16.43 8.73 26.15
C GLU A 245 -15.17 9.06 25.37
N HIS A 246 -15.22 8.90 24.06
CA HIS A 246 -14.07 9.20 23.21
C HIS A 246 -13.99 10.70 22.92
N HIS A 247 -12.78 11.24 22.97
CA HIS A 247 -12.55 12.64 22.65
C HIS A 247 -11.46 12.77 21.60
N SER A 248 -11.84 13.23 20.41
CA SER A 248 -10.86 13.46 19.36
C SER A 248 -10.03 14.68 19.71
N ILE A 249 -8.72 14.58 19.49
CA ILE A 249 -7.80 15.64 19.89
C ILE A 249 -7.77 16.77 18.87
N ALA A 250 -8.24 16.47 17.65
CA ALA A 250 -8.24 17.46 16.58
C ALA A 250 -9.09 18.70 16.89
N PRO A 251 -10.35 18.52 17.36
CA PRO A 251 -11.10 19.74 17.70
C PRO A 251 -10.52 20.48 18.90
N LEU A 252 -9.81 19.76 19.77
CA LEU A 252 -9.20 20.36 20.94
C LEU A 252 -7.97 21.18 20.56
N ALA A 253 -7.48 20.96 19.35
CA ALA A 253 -6.33 21.70 18.83
C ALA A 253 -6.64 22.34 17.49
N PRO A 254 -7.54 23.34 17.48
CA PRO A 254 -7.96 23.96 16.22
C PRO A 254 -6.90 24.90 15.64
N ASP A 255 -5.86 25.17 16.41
CA ASP A 255 -4.80 26.08 16.00
C ASP A 255 -3.56 25.32 15.53
N LEU A 256 -3.58 24.00 15.69
CA LEU A 256 -2.45 23.17 15.29
C LEU A 256 -2.80 22.26 14.12
N LEU A 257 -1.78 21.87 13.36
CA LEU A 257 -1.96 20.85 12.34
C LEU A 257 -2.01 19.49 13.00
N THR A 258 -3.09 18.75 12.76
CA THR A 258 -3.22 17.42 13.33
C THR A 258 -3.69 16.44 12.26
N ILE A 259 -3.28 15.19 12.39
CA ILE A 259 -3.69 14.15 11.44
C ILE A 259 -4.34 12.99 12.18
N THR A 260 -5.59 12.72 11.83
CA THR A 260 -6.38 11.70 12.52
C THR A 260 -6.57 10.47 11.65
N PHE A 261 -6.36 9.29 12.23
CA PHE A 261 -6.55 8.04 11.50
C PHE A 261 -7.76 7.26 12.03
N ASN A 262 -8.48 6.63 11.11
CA ASN A 262 -9.63 5.80 11.46
C ASN A 262 -10.00 4.92 10.27
N GLY A 263 -10.84 3.91 10.51
CA GLY A 263 -11.19 3.00 9.43
C GLY A 263 -12.32 2.02 9.74
N LEU A 264 -12.53 1.08 8.81
CA LEU A 264 -13.63 0.14 8.90
C LEU A 264 -13.22 -1.21 9.50
N SER A 265 -11.91 -1.41 9.67
CA SER A 265 -11.37 -2.72 10.05
C SER A 265 -11.94 -3.28 11.35
N LYS A 266 -11.80 -2.53 12.44
CA LYS A 266 -12.14 -3.03 13.74
C LYS A 266 -13.58 -2.76 14.07
N THR A 267 -13.95 -1.49 14.06
CA THR A 267 -15.30 -1.07 14.45
C THR A 267 -16.40 -1.72 13.61
N TYR A 268 -16.16 -1.83 12.31
CA TYR A 268 -17.18 -2.36 11.41
C TYR A 268 -16.86 -3.77 10.92
N ARG A 269 -15.86 -4.40 11.55
CA ARG A 269 -15.58 -5.82 11.36
C ARG A 269 -15.38 -6.23 9.91
N VAL A 270 -14.70 -5.38 9.13
CA VAL A 270 -14.36 -5.72 7.75
C VAL A 270 -12.89 -5.43 7.48
N ALA A 271 -12.03 -5.98 8.34
CA ALA A 271 -10.59 -5.79 8.22
C ALA A 271 -10.06 -6.20 6.85
N GLY A 272 -10.60 -7.29 6.31
CA GLY A 272 -10.15 -7.83 5.04
C GLY A 272 -10.39 -6.93 3.85
N PHE A 273 -11.32 -5.99 3.99
CA PHE A 273 -11.65 -5.08 2.91
C PHE A 273 -10.58 -4.01 2.77
N ARG A 274 -9.78 -3.85 3.84
CA ARG A 274 -8.74 -2.83 3.92
C ARG A 274 -9.24 -1.44 3.53
N GLN A 275 -9.97 -0.81 4.45
CA GLN A 275 -10.48 0.54 4.23
C GLN A 275 -10.17 1.43 5.41
N GLY A 276 -9.34 2.45 5.18
CA GLY A 276 -8.98 3.41 6.20
C GLY A 276 -8.84 4.79 5.62
N TRP A 277 -8.80 5.80 6.49
CA TRP A 277 -8.65 7.17 6.05
C TRP A 277 -7.86 8.00 7.06
N MET A 278 -7.18 9.03 6.56
CA MET A 278 -6.55 10.00 7.44
C MET A 278 -7.03 11.40 7.08
N VAL A 279 -7.26 12.21 8.10
CA VAL A 279 -7.83 13.55 7.89
C VAL A 279 -6.90 14.63 8.43
N LEU A 280 -6.63 15.63 7.60
CA LEU A 280 -5.81 16.76 7.99
C LEU A 280 -6.70 17.90 8.50
N ASN A 281 -6.36 18.41 9.68
CA ASN A 281 -7.15 19.46 10.30
C ASN A 281 -6.26 20.55 10.88
N GLY A 282 -6.72 21.80 10.79
CA GLY A 282 -5.99 22.93 11.31
C GLY A 282 -5.34 23.77 10.22
N PRO A 283 -4.50 24.73 10.63
CA PRO A 283 -3.76 25.58 9.69
C PRO A 283 -2.80 24.76 8.83
N LYS A 284 -3.04 24.74 7.52
CA LYS A 284 -2.29 23.86 6.63
C LYS A 284 -1.38 24.60 5.67
N LYS A 285 -1.33 25.93 5.78
CA LYS A 285 -0.55 26.75 4.86
C LYS A 285 0.96 26.56 5.08
N HIS A 286 1.36 26.43 6.33
CA HIS A 286 2.78 26.31 6.66
C HIS A 286 3.32 24.92 6.37
N ALA A 287 2.44 23.99 6.06
CA ALA A 287 2.85 22.61 5.79
C ALA A 287 2.54 22.20 4.35
N LYS A 288 2.56 23.17 3.44
CA LYS A 288 2.26 22.91 2.04
C LYS A 288 3.17 21.84 1.44
N GLY A 289 4.45 21.91 1.77
CA GLY A 289 5.42 20.95 1.26
C GLY A 289 5.14 19.53 1.72
N TYR A 290 4.79 19.39 2.99
CA TYR A 290 4.47 18.09 3.56
C TYR A 290 3.22 17.50 2.92
N ILE A 291 2.23 18.34 2.69
CA ILE A 291 0.98 17.91 2.05
C ILE A 291 1.24 17.49 0.60
N GLU A 292 2.10 18.24 -0.08
CA GLU A 292 2.50 17.87 -1.45
C GLU A 292 3.19 16.52 -1.46
N GLY A 293 3.92 16.22 -0.39
CA GLY A 293 4.57 14.93 -0.24
C GLY A 293 3.54 13.84 -0.06
N LEU A 294 2.56 14.08 0.80
CA LEU A 294 1.47 13.13 1.02
C LEU A 294 0.75 12.84 -0.29
N GLU A 295 0.40 13.89 -1.03
CA GLU A 295 -0.28 13.76 -2.30
C GLU A 295 0.55 12.99 -3.33
N MET A 296 1.87 13.14 -3.22
CA MET A 296 2.79 12.45 -4.11
C MET A 296 2.80 10.95 -3.81
N LEU A 297 3.01 10.61 -2.54
CA LEU A 297 2.91 9.21 -2.11
C LEU A 297 1.52 8.67 -2.40
N ALA A 298 0.52 9.54 -2.32
CA ALA A 298 -0.87 9.18 -2.58
C ALA A 298 -1.07 8.77 -4.04
N SER A 299 -0.48 9.59 -4.90
N SER A 299 -0.50 9.52 -4.97
CA SER A 299 -0.54 9.37 -6.33
CA SER A 299 -0.68 9.16 -6.38
C SER A 299 0.26 8.15 -6.75
C SER A 299 0.34 8.12 -6.87
N MET A 300 1.34 7.86 -6.05
CA MET A 300 2.28 6.86 -6.47
C MET A 300 1.65 5.51 -6.65
N ARG A 301 0.74 5.16 -5.77
CA ARG A 301 0.06 3.89 -5.87
C ARG A 301 -1.26 4.00 -6.62
N LEU A 302 -1.52 5.17 -7.14
CA LEU A 302 -2.68 5.41 -7.97
C LEU A 302 -3.98 5.56 -7.22
N CYS A 303 -4.41 4.52 -6.56
CA CYS A 303 -5.54 4.61 -5.68
C CYS A 303 -5.65 3.43 -4.77
N ALA A 304 -6.44 3.59 -3.74
CA ALA A 304 -6.77 2.49 -2.83
C ALA A 304 -7.85 1.64 -3.49
N ASN A 305 -8.06 0.44 -2.99
CA ASN A 305 -9.08 -0.44 -3.56
C ASN A 305 -10.45 0.24 -3.52
N VAL A 306 -11.11 0.28 -4.68
CA VAL A 306 -12.29 1.11 -4.89
C VAL A 306 -13.63 0.50 -4.46
N PRO A 307 -13.89 -0.79 -4.77
CA PRO A 307 -15.21 -1.35 -4.44
C PRO A 307 -15.63 -1.22 -2.98
N ALA A 308 -14.71 -1.46 -2.05
CA ALA A 308 -15.04 -1.42 -0.62
C ALA A 308 -15.22 0.01 -0.11
N GLN A 309 -14.85 1.00 -0.92
CA GLN A 309 -14.99 2.38 -0.52
C GLN A 309 -16.46 2.81 -0.47
N HIS A 310 -17.31 2.05 -1.15
CA HIS A 310 -18.74 2.31 -1.14
C HIS A 310 -19.39 1.89 0.18
N ALA A 311 -18.58 1.30 1.07
CA ALA A 311 -19.06 0.85 2.36
C ALA A 311 -18.90 1.91 3.44
N ILE A 312 -18.06 2.91 3.14
CA ILE A 312 -17.76 3.98 4.10
C ILE A 312 -19.01 4.79 4.42
N GLN A 313 -19.72 5.21 3.39
CA GLN A 313 -20.94 5.97 3.54
C GLN A 313 -21.96 5.21 4.40
N THR A 314 -22.09 3.92 4.14
CA THR A 314 -23.01 3.06 4.87
C THR A 314 -22.62 2.94 6.34
N ALA A 315 -21.34 2.68 6.58
CA ALA A 315 -20.82 2.48 7.94
C ALA A 315 -20.93 3.74 8.79
N LEU A 316 -20.55 4.88 8.22
CA LEU A 316 -20.47 6.13 8.97
C LEU A 316 -21.83 6.78 9.21
N GLY A 317 -22.85 6.31 8.49
CA GLY A 317 -24.16 6.92 8.59
C GLY A 317 -25.23 6.00 9.15
N GLY A 318 -26.36 6.59 9.51
CA GLY A 318 -27.50 5.83 10.02
C GLY A 318 -27.21 5.13 11.34
N TYR A 319 -27.87 3.98 11.53
CA TYR A 319 -27.72 3.21 12.76
C TYR A 319 -26.32 2.59 12.85
N GLN A 320 -25.79 2.54 14.06
CA GLN A 320 -24.47 1.96 14.31
C GLN A 320 -24.60 0.61 15.01
N SER A 321 -24.28 -0.46 14.29
CA SER A 321 -24.44 -1.82 14.80
C SER A 321 -23.49 -2.14 15.95
N ILE A 322 -22.39 -1.39 16.04
CA ILE A 322 -21.38 -1.62 17.06
C ILE A 322 -21.94 -1.40 18.47
N SER A 323 -23.04 -0.67 18.57
CA SER A 323 -23.67 -0.37 19.86
C SER A 323 -24.21 -1.63 20.55
N GLU A 324 -24.59 -2.63 19.75
CA GLU A 324 -25.13 -3.88 20.28
C GLU A 324 -24.04 -4.71 20.94
N PHE A 325 -22.79 -4.50 20.53
CA PHE A 325 -21.67 -5.30 21.02
C PHE A 325 -21.02 -4.68 22.26
N ILE A 326 -21.09 -3.36 22.38
CA ILE A 326 -20.40 -2.66 23.45
C ILE A 326 -21.26 -2.52 24.72
N THR A 327 -22.58 -2.54 24.55
CA THR A 327 -23.50 -2.44 25.67
C THR A 327 -23.43 -3.68 26.56
N PRO A 328 -23.78 -3.54 27.85
CA PRO A 328 -23.73 -4.61 28.85
C PRO A 328 -24.28 -5.97 28.40
N GLY A 329 -25.09 -6.00 27.35
CA GLY A 329 -25.60 -7.26 26.82
C GLY A 329 -24.69 -7.85 25.75
N GLY A 330 -23.92 -6.98 25.09
CA GLY A 330 -23.09 -7.37 23.97
C GLY A 330 -21.95 -8.32 24.30
N ARG A 331 -21.50 -9.06 23.31
CA ARG A 331 -20.45 -10.06 23.48
C ARG A 331 -19.10 -9.42 23.78
N LEU A 332 -18.81 -8.28 23.17
CA LEU A 332 -17.53 -7.61 23.38
C LEU A 332 -17.41 -7.13 24.83
N TYR A 333 -18.49 -6.57 25.35
CA TYR A 333 -18.54 -6.14 26.74
C TYR A 333 -18.32 -7.32 27.68
N GLU A 334 -18.99 -8.42 27.39
CA GLU A 334 -18.92 -9.62 28.23
C GLU A 334 -17.54 -10.29 28.16
N GLN A 335 -17.03 -10.45 26.94
CA GLN A 335 -15.72 -11.07 26.75
C GLN A 335 -14.62 -10.26 27.42
N ARG A 336 -14.76 -8.93 27.37
CA ARG A 336 -13.82 -8.05 28.04
C ARG A 336 -13.86 -8.26 29.55
N ASN A 337 -15.07 -8.45 30.07
CA ASN A 337 -15.26 -8.71 31.49
C ASN A 337 -14.59 -10.01 31.91
N ARG A 338 -15.05 -11.12 31.34
CA ARG A 338 -14.70 -12.44 31.83
C ARG A 338 -13.19 -12.68 31.66
N ALA A 339 -12.59 -12.10 30.63
CA ALA A 339 -11.15 -12.23 30.41
C ALA A 339 -10.32 -11.45 31.43
N TRP A 340 -10.79 -10.27 31.79
CA TRP A 340 -10.13 -9.45 32.80
C TRP A 340 -10.14 -10.11 34.17
N GLU A 341 -11.28 -10.71 34.53
CA GLU A 341 -11.43 -11.36 35.82
C GLU A 341 -10.62 -12.66 35.90
N LEU A 342 -10.51 -13.35 34.77
CA LEU A 342 -9.79 -14.63 34.73
C LEU A 342 -8.28 -14.44 34.79
N ILE A 343 -7.79 -13.41 34.11
CA ILE A 343 -6.35 -13.16 34.03
C ILE A 343 -5.82 -12.62 35.36
N ASN A 344 -6.67 -11.92 36.10
CA ASN A 344 -6.27 -11.33 37.37
C ASN A 344 -6.20 -12.36 38.50
N ASP A 345 -7.05 -13.39 38.40
CA ASP A 345 -7.10 -14.42 39.43
C ASP A 345 -5.88 -15.35 39.37
N ILE A 346 -5.25 -15.40 38.19
CA ILE A 346 -4.02 -16.18 38.05
C ILE A 346 -2.92 -15.60 38.92
N PRO A 347 -2.31 -16.45 39.77
CA PRO A 347 -1.22 -16.02 40.66
C PRO A 347 -0.03 -15.45 39.88
N GLY A 348 0.44 -14.27 40.31
CA GLY A 348 1.59 -13.64 39.68
C GLY A 348 1.25 -12.85 38.44
N VAL A 349 -0.06 -12.69 38.16
CA VAL A 349 -0.51 -11.93 37.00
C VAL A 349 -1.58 -10.91 37.39
N SER A 350 -1.40 -9.67 36.92
CA SER A 350 -2.39 -8.62 37.13
C SER A 350 -2.63 -7.88 35.82
N CYS A 351 -3.74 -7.16 35.73
CA CYS A 351 -4.07 -6.44 34.50
C CYS A 351 -5.05 -5.30 34.74
N VAL A 352 -4.76 -4.15 34.12
CA VAL A 352 -5.65 -3.01 34.16
C VAL A 352 -6.82 -3.21 33.20
N LYS A 353 -8.04 -3.04 33.69
CA LYS A 353 -9.23 -3.26 32.89
C LYS A 353 -9.35 -2.24 31.76
N PRO A 354 -9.47 -2.73 30.53
CA PRO A 354 -9.58 -1.85 29.35
C PRO A 354 -10.95 -1.17 29.28
N ARG A 355 -10.96 0.12 28.96
CA ARG A 355 -12.21 0.85 28.81
C ARG A 355 -12.58 0.96 27.33
N GLY A 356 -11.69 0.47 26.46
CA GLY A 356 -11.91 0.52 25.04
C GLY A 356 -11.09 -0.51 24.27
N ALA A 357 -11.16 -0.43 22.95
CA ALA A 357 -10.43 -1.33 22.05
C ALA A 357 -10.78 -2.79 22.30
N LEU A 358 -9.89 -3.69 21.91
CA LEU A 358 -10.16 -5.12 21.95
C LEU A 358 -9.03 -5.92 22.60
N TYR A 359 -8.23 -5.26 23.44
CA TYR A 359 -7.05 -5.91 23.99
C TYR A 359 -6.86 -5.70 25.48
N MET A 360 -5.99 -6.53 26.05
CA MET A 360 -5.53 -6.36 27.42
C MET A 360 -4.02 -6.52 27.46
N PHE A 361 -3.37 -5.86 28.41
CA PHE A 361 -1.92 -5.88 28.51
C PHE A 361 -1.48 -6.27 29.92
N PRO A 362 -1.70 -7.54 30.31
CA PRO A 362 -1.43 -7.99 31.67
C PRO A 362 0.04 -7.92 32.06
N LYS A 363 0.29 -7.62 33.33
CA LYS A 363 1.64 -7.61 33.89
C LYS A 363 1.91 -8.93 34.61
N ILE A 364 3.10 -9.48 34.43
CA ILE A 364 3.45 -10.75 35.05
C ILE A 364 4.62 -10.59 36.03
N ASP A 365 4.52 -11.26 37.18
CA ASP A 365 5.57 -11.24 38.19
C ASP A 365 6.78 -12.04 37.68
N ALA A 366 7.69 -11.36 37.02
CA ALA A 366 8.82 -12.00 36.34
C ALA A 366 9.71 -12.82 37.28
N LYS A 367 10.02 -12.27 38.44
CA LYS A 367 10.92 -12.92 39.39
C LYS A 367 10.38 -14.26 39.90
N ARG A 368 9.05 -14.41 39.88
CA ARG A 368 8.43 -15.65 40.34
C ARG A 368 8.70 -16.80 39.37
N PHE A 369 8.69 -16.49 38.08
CA PHE A 369 8.89 -17.51 37.05
C PHE A 369 10.25 -17.37 36.39
N ASN A 370 11.07 -16.46 36.91
CA ASN A 370 12.38 -16.15 36.36
C ASN A 370 12.29 -15.80 34.87
N ILE A 371 11.36 -14.91 34.54
CA ILE A 371 11.21 -14.45 33.16
C ILE A 371 12.24 -13.37 32.86
N HIS A 372 13.17 -13.67 31.96
CA HIS A 372 14.16 -12.70 31.51
C HIS A 372 13.93 -12.38 30.03
N ASP A 373 13.16 -13.24 29.38
CA ASP A 373 12.77 -13.03 27.99
C ASP A 373 11.32 -13.45 27.78
N ASP A 374 10.47 -12.48 27.44
CA ASP A 374 9.02 -12.72 27.36
C ASP A 374 8.62 -13.41 26.06
N GLN A 375 9.47 -13.36 25.05
CA GLN A 375 9.19 -14.05 23.79
C GLN A 375 9.30 -15.56 24.00
N LYS A 376 10.30 -15.98 24.76
CA LYS A 376 10.50 -17.39 25.08
C LYS A 376 9.35 -17.91 25.94
N MET A 377 8.80 -17.04 26.77
CA MET A 377 7.65 -17.38 27.60
C MET A 377 6.44 -17.70 26.71
N VAL A 378 6.15 -16.78 25.79
CA VAL A 378 5.06 -16.95 24.85
C VAL A 378 5.27 -18.17 23.96
N LEU A 379 6.52 -18.40 23.58
CA LEU A 379 6.87 -19.55 22.76
C LEU A 379 6.63 -20.86 23.51
N ASP A 380 7.05 -20.89 24.77
CA ASP A 380 6.86 -22.07 25.61
C ASP A 380 5.38 -22.38 25.82
N PHE A 381 4.59 -21.33 26.02
CA PHE A 381 3.15 -21.48 26.19
C PHE A 381 2.51 -22.01 24.92
N LEU A 382 3.08 -21.65 23.76
CA LEU A 382 2.60 -22.14 22.49
C LEU A 382 2.95 -23.62 22.30
N LEU A 383 4.21 -23.96 22.56
CA LEU A 383 4.67 -25.34 22.41
C LEU A 383 3.99 -26.26 23.43
N GLN A 384 3.77 -25.74 24.63
CA GLN A 384 3.17 -26.53 25.70
C GLN A 384 1.68 -26.77 25.49
N GLU A 385 0.97 -25.77 24.96
CA GLU A 385 -0.48 -25.81 25.02
C GLU A 385 -1.21 -25.25 23.80
N LYS A 386 -0.48 -25.05 22.70
CA LYS A 386 -1.07 -24.68 21.42
C LYS A 386 -1.95 -23.43 21.48
N VAL A 387 -1.52 -22.45 22.28
CA VAL A 387 -2.18 -21.16 22.34
C VAL A 387 -1.17 -20.07 22.04
N LEU A 388 -1.53 -19.14 21.17
CA LEU A 388 -0.59 -18.12 20.71
C LEU A 388 -0.90 -16.73 21.26
N LEU A 389 0.06 -16.15 21.97
CA LEU A 389 -0.05 -14.80 22.48
C LEU A 389 1.06 -13.93 21.89
N VAL A 390 1.13 -12.67 22.33
CA VAL A 390 2.20 -11.78 21.89
C VAL A 390 2.91 -11.18 23.10
N GLN A 391 4.23 -11.34 23.16
CA GLN A 391 5.01 -10.82 24.27
C GLN A 391 5.00 -9.29 24.27
N GLY A 392 5.14 -8.70 25.45
CA GLY A 392 5.03 -7.26 25.61
C GLY A 392 6.13 -6.45 24.97
N THR A 393 7.30 -7.06 24.79
CA THR A 393 8.43 -6.37 24.19
C THR A 393 8.22 -6.18 22.68
N ALA A 394 7.21 -6.84 22.13
CA ALA A 394 6.85 -6.65 20.74
C ALA A 394 6.13 -5.31 20.57
N PHE A 395 5.75 -4.71 21.69
CA PHE A 395 5.07 -3.42 21.69
C PHE A 395 5.97 -2.35 22.29
N ASN A 396 7.28 -2.59 22.18
CA ASN A 396 8.30 -1.66 22.64
C ASN A 396 8.24 -1.32 24.13
N TRP A 397 7.74 -2.26 24.92
CA TRP A 397 7.83 -2.14 26.38
C TRP A 397 9.21 -2.64 26.81
N PRO A 398 9.99 -1.77 27.48
CA PRO A 398 11.39 -2.01 27.81
C PRO A 398 11.66 -3.28 28.62
N TRP A 399 10.67 -3.72 29.39
CA TRP A 399 10.88 -4.86 30.29
C TRP A 399 10.06 -6.07 29.87
N PRO A 400 10.58 -7.28 30.14
CA PRO A 400 9.92 -8.53 29.75
C PRO A 400 8.86 -8.99 30.74
N ASP A 401 8.05 -8.06 31.24
CA ASP A 401 7.05 -8.40 32.26
C ASP A 401 5.62 -8.11 31.80
N HIS A 402 5.38 -8.19 30.49
CA HIS A 402 4.06 -7.94 29.95
C HIS A 402 3.78 -8.76 28.69
N PHE A 403 2.51 -8.85 28.33
CA PHE A 403 2.08 -9.52 27.10
C PHE A 403 0.69 -9.01 26.72
N ARG A 404 0.18 -9.43 25.57
CA ARG A 404 -1.12 -8.96 25.12
C ARG A 404 -2.12 -10.09 24.85
N ILE A 405 -3.35 -9.87 25.30
CA ILE A 405 -4.47 -10.76 25.01
C ILE A 405 -5.49 -10.04 24.15
N VAL A 406 -6.03 -10.71 23.14
CA VAL A 406 -7.14 -10.17 22.39
C VAL A 406 -8.44 -10.63 23.03
N THR A 407 -9.47 -9.79 23.01
CA THR A 407 -10.72 -10.10 23.68
C THR A 407 -11.83 -10.46 22.69
N LEU A 408 -11.45 -10.60 21.43
CA LEU A 408 -12.38 -11.01 20.38
C LEU A 408 -12.98 -12.42 20.51
N PRO A 409 -12.19 -13.42 20.97
CA PRO A 409 -12.83 -14.74 21.10
C PRO A 409 -14.02 -14.71 22.04
N ARG A 410 -15.13 -15.35 21.66
CA ARG A 410 -16.23 -15.46 22.60
C ARG A 410 -15.82 -16.37 23.75
N VAL A 411 -16.48 -16.16 24.89
CA VAL A 411 -16.06 -16.64 26.20
C VAL A 411 -15.49 -18.06 26.27
N ASP A 412 -16.17 -19.02 25.62
CA ASP A 412 -15.77 -20.43 25.65
C ASP A 412 -14.28 -20.62 25.45
N ASP A 413 -13.71 -19.90 24.49
CA ASP A 413 -12.29 -20.03 24.20
C ASP A 413 -11.46 -19.14 25.12
N ILE A 414 -12.06 -18.09 25.66
CA ILE A 414 -11.34 -17.20 26.56
C ILE A 414 -10.88 -17.91 27.83
N GLU A 415 -11.77 -18.67 28.47
CA GLU A 415 -11.43 -19.41 29.68
C GLU A 415 -10.56 -20.61 29.37
N LEU A 416 -10.87 -21.21 28.24
CA LEU A 416 -10.14 -22.37 27.81
C LEU A 416 -8.70 -21.96 27.79
N SER A 417 -8.39 -20.96 26.97
CA SER A 417 -7.03 -20.49 26.82
C SER A 417 -6.43 -19.90 28.10
N LEU A 418 -7.27 -19.27 28.92
CA LEU A 418 -6.76 -18.66 30.16
C LEU A 418 -6.63 -19.68 31.29
N SER A 419 -7.50 -20.67 31.31
CA SER A 419 -7.32 -21.79 32.24
C SER A 419 -6.09 -22.57 31.78
N LYS A 420 -5.89 -22.61 30.47
CA LYS A 420 -4.68 -23.17 29.90
C LYS A 420 -3.46 -22.36 30.35
N PHE A 421 -3.56 -21.04 30.22
CA PHE A 421 -2.46 -20.17 30.62
C PHE A 421 -2.18 -20.27 32.12
N ALA A 422 -3.21 -20.61 32.89
CA ALA A 422 -3.05 -20.77 34.34
C ALA A 422 -2.27 -22.03 34.67
N ARG A 423 -2.58 -23.13 33.99
CA ARG A 423 -1.89 -24.39 34.20
C ARG A 423 -0.42 -24.27 33.81
N PHE A 424 -0.18 -23.57 32.70
CA PHE A 424 1.17 -23.34 32.20
C PHE A 424 2.03 -22.63 33.24
N LEU A 425 1.52 -21.52 33.78
CA LEU A 425 2.24 -20.73 34.75
C LEU A 425 2.43 -21.43 36.09
N SER A 426 1.49 -22.31 36.43
CA SER A 426 1.48 -22.96 37.74
C SER A 426 2.77 -23.73 38.03
N GLY A 427 3.41 -24.23 36.98
CA GLY A 427 4.65 -24.96 37.13
C GLY A 427 5.69 -24.58 36.10
N TYR A 428 5.75 -23.29 35.79
CA TYR A 428 6.69 -22.80 34.78
C TYR A 428 7.87 -22.05 35.40
N HIS A 429 9.06 -22.35 34.89
CA HIS A 429 10.29 -21.69 35.34
C HIS A 429 11.26 -21.60 34.17
N GLN A 430 11.51 -20.37 33.72
CA GLN A 430 12.32 -20.15 32.52
C GLN A 430 13.80 -20.37 32.79
N SER B 28 7.63 28.14 11.17
CA SER B 28 8.40 26.91 11.02
C SER B 28 7.76 25.99 9.97
N PRO B 29 8.16 26.17 8.70
CA PRO B 29 7.60 25.41 7.57
C PRO B 29 7.83 23.91 7.67
N ILE B 30 6.83 23.13 7.27
CA ILE B 30 6.94 21.68 7.25
C ILE B 30 7.01 21.20 5.80
N GLU B 31 8.23 21.02 5.29
CA GLU B 31 8.41 20.59 3.92
C GLU B 31 8.38 19.07 3.81
N LYS B 32 8.33 18.57 2.57
CA LYS B 32 8.36 17.14 2.34
C LYS B 32 9.73 16.58 2.69
N SER B 33 9.77 15.31 3.06
CA SER B 33 11.02 14.65 3.43
C SER B 33 12.04 14.67 2.29
N SER B 34 13.31 14.51 2.65
CA SER B 34 14.39 14.52 1.67
C SER B 34 14.26 13.40 0.64
N LYS B 35 13.66 12.29 1.03
CA LYS B 35 13.54 11.13 0.16
C LYS B 35 12.56 11.38 -0.99
N LEU B 36 11.86 12.52 -0.95
CA LEU B 36 10.89 12.84 -1.99
C LEU B 36 11.36 13.99 -2.89
N GLU B 37 12.61 14.41 -2.72
CA GLU B 37 13.13 15.57 -3.44
C GLU B 37 13.27 15.33 -4.94
N ASN B 38 13.62 14.11 -5.32
CA ASN B 38 13.74 13.77 -6.75
C ASN B 38 12.47 13.15 -7.30
N VAL B 39 11.60 12.70 -6.42
CA VAL B 39 10.45 11.90 -6.83
C VAL B 39 9.47 12.68 -7.72
N CYS B 40 9.20 12.11 -8.89
CA CYS B 40 8.24 12.68 -9.80
C CYS B 40 7.43 11.62 -10.54
N TYR B 41 6.60 10.87 -9.83
CA TYR B 41 5.58 10.10 -10.51
C TYR B 41 4.40 11.03 -10.73
N ASP B 42 4.36 11.70 -11.87
CA ASP B 42 3.15 12.44 -12.19
C ASP B 42 2.83 12.44 -13.68
N ILE B 43 2.44 11.25 -14.13
CA ILE B 43 1.40 11.10 -15.13
C ILE B 43 0.23 11.94 -14.62
N ARG B 44 0.13 12.03 -13.30
CA ARG B 44 -0.85 12.84 -12.58
C ARG B 44 -0.26 14.09 -11.92
N GLY B 45 0.11 15.09 -12.73
CA GLY B 45 0.78 16.30 -12.22
C GLY B 45 0.11 17.64 -12.48
N PRO B 46 0.82 18.75 -12.20
CA PRO B 46 0.26 20.11 -12.21
C PRO B 46 -0.47 20.55 -13.50
N VAL B 47 -0.48 19.68 -14.50
CA VAL B 47 -1.27 19.92 -15.71
C VAL B 47 -2.73 19.50 -15.47
N LEU B 48 -2.92 18.49 -14.63
CA LEU B 48 -4.26 18.07 -14.23
C LEU B 48 -4.96 19.10 -13.34
N LYS B 49 -4.20 20.02 -12.78
CA LYS B 49 -4.79 21.09 -11.98
C LYS B 49 -5.65 21.97 -12.88
N GLU B 50 -5.17 22.21 -14.09
CA GLU B 50 -5.93 22.99 -15.06
C GLU B 50 -6.97 22.12 -15.75
N ALA B 51 -6.67 20.83 -15.86
CA ALA B 51 -7.61 19.88 -16.44
C ALA B 51 -8.81 19.68 -15.51
N LYS B 52 -8.54 19.58 -14.21
CA LYS B 52 -9.61 19.40 -13.22
C LYS B 52 -10.44 20.67 -13.11
N ARG B 53 -9.83 21.81 -13.41
CA ARG B 53 -10.55 23.08 -13.38
C ARG B 53 -11.51 23.17 -14.56
N LEU B 54 -11.04 22.80 -15.74
CA LEU B 54 -11.85 22.79 -16.95
C LEU B 54 -13.04 21.85 -16.79
N GLU B 55 -12.82 20.73 -16.12
CA GLU B 55 -13.88 19.75 -15.88
C GLU B 55 -14.94 20.30 -14.94
N GLU B 56 -14.50 20.99 -13.89
CA GLU B 56 -15.40 21.57 -12.91
C GLU B 56 -16.23 22.69 -13.51
N GLU B 57 -15.69 23.34 -14.54
CA GLU B 57 -16.41 24.40 -15.24
C GLU B 57 -17.47 23.82 -16.18
N GLY B 58 -17.38 22.53 -16.45
CA GLY B 58 -18.36 21.86 -17.29
C GLY B 58 -17.80 21.34 -18.61
N ASN B 59 -16.60 21.78 -18.97
CA ASN B 59 -15.97 21.35 -20.20
C ASN B 59 -15.51 19.90 -20.13
N LYS B 60 -15.78 19.14 -21.19
CA LYS B 60 -15.30 17.76 -21.26
C LYS B 60 -13.85 17.73 -21.71
N VAL B 61 -13.02 17.00 -20.96
CA VAL B 61 -11.63 16.84 -21.31
C VAL B 61 -11.35 15.39 -21.68
N LEU B 62 -10.89 15.18 -22.91
CA LEU B 62 -10.50 13.85 -23.36
C LEU B 62 -9.16 13.47 -22.73
N LYS B 63 -9.21 12.60 -21.74
CA LYS B 63 -8.00 12.22 -21.00
C LYS B 63 -7.31 11.00 -21.59
N LEU B 64 -6.29 11.25 -22.40
CA LEU B 64 -5.49 10.17 -22.95
C LEU B 64 -4.22 10.01 -22.13
N ASN B 65 -4.30 10.36 -20.85
CA ASN B 65 -3.13 10.41 -20.00
C ASN B 65 -2.94 9.17 -19.14
N ILE B 66 -4.03 8.47 -18.84
CA ILE B 66 -3.97 7.35 -17.91
C ILE B 66 -4.49 6.06 -18.52
N GLY B 67 -3.79 4.96 -18.25
CA GLY B 67 -4.20 3.65 -18.74
C GLY B 67 -5.27 3.04 -17.88
N ASN B 68 -6.40 3.73 -17.77
CA ASN B 68 -7.53 3.28 -16.95
C ASN B 68 -8.66 2.76 -17.83
N PRO B 69 -8.83 1.42 -17.86
CA PRO B 69 -9.79 0.75 -18.75
C PRO B 69 -11.26 1.19 -18.57
N ALA B 70 -11.73 1.24 -17.33
CA ALA B 70 -13.15 1.46 -17.05
C ALA B 70 -13.77 2.75 -17.64
N PRO B 71 -13.08 3.90 -17.54
CA PRO B 71 -13.69 5.10 -18.14
C PRO B 71 -13.87 5.04 -19.66
N PHE B 72 -13.26 4.06 -20.31
CA PHE B 72 -13.37 3.93 -21.76
C PHE B 72 -14.23 2.73 -22.16
N GLY B 73 -15.01 2.23 -21.23
CA GLY B 73 -16.00 1.21 -21.53
C GLY B 73 -15.52 -0.22 -21.45
N PHE B 74 -14.38 -0.43 -20.79
CA PHE B 74 -13.88 -1.78 -20.57
C PHE B 74 -14.43 -2.36 -19.29
N ASP B 75 -15.23 -3.40 -19.40
CA ASP B 75 -15.83 -4.04 -18.24
C ASP B 75 -15.06 -5.29 -17.83
N ALA B 76 -15.11 -5.61 -16.55
CA ALA B 76 -14.52 -6.83 -16.03
C ALA B 76 -15.23 -8.05 -16.62
N PRO B 77 -14.48 -9.13 -16.88
CA PRO B 77 -15.10 -10.40 -17.23
C PRO B 77 -16.09 -10.82 -16.14
N ASP B 78 -17.29 -11.26 -16.56
CA ASP B 78 -18.34 -11.65 -15.63
C ASP B 78 -17.82 -12.62 -14.56
N GLU B 79 -17.03 -13.58 -15.02
CA GLU B 79 -16.47 -14.63 -14.18
C GLU B 79 -15.68 -14.09 -13.00
N ILE B 80 -15.02 -12.94 -13.20
CA ILE B 80 -14.29 -12.30 -12.12
C ILE B 80 -15.25 -11.66 -11.12
N LEU B 81 -16.23 -10.91 -11.64
CA LEU B 81 -17.22 -10.26 -10.80
C LEU B 81 -18.04 -11.26 -9.99
N VAL B 82 -18.42 -12.35 -10.64
CA VAL B 82 -19.25 -13.39 -10.01
C VAL B 82 -18.53 -14.03 -8.82
N ASP B 83 -17.27 -14.38 -9.01
CA ASP B 83 -16.51 -15.09 -7.98
C ASP B 83 -16.11 -14.17 -6.83
N VAL B 84 -15.97 -12.87 -7.11
CA VAL B 84 -15.67 -11.90 -6.05
C VAL B 84 -16.90 -11.70 -5.19
N ILE B 85 -18.04 -11.51 -5.83
CA ILE B 85 -19.32 -11.34 -5.14
C ILE B 85 -19.63 -12.57 -4.28
N ARG B 86 -19.36 -13.75 -4.83
CA ARG B 86 -19.63 -15.00 -4.14
C ARG B 86 -18.80 -15.16 -2.87
N ASN B 87 -17.55 -14.72 -2.91
CA ASN B 87 -16.64 -14.91 -1.79
C ASN B 87 -16.57 -13.73 -0.82
N LEU B 88 -17.26 -12.65 -1.16
CA LEU B 88 -17.20 -11.42 -0.37
C LEU B 88 -17.60 -11.60 1.11
N PRO B 89 -18.70 -12.33 1.41
CA PRO B 89 -19.02 -12.47 2.84
C PRO B 89 -18.00 -13.31 3.61
N THR B 90 -17.20 -14.08 2.90
CA THR B 90 -16.23 -14.97 3.54
C THR B 90 -14.83 -14.37 3.57
N ALA B 91 -14.70 -13.13 3.09
CA ALA B 91 -13.40 -12.49 2.98
C ALA B 91 -13.35 -11.13 3.66
N GLN B 92 -13.90 -11.05 4.86
CA GLN B 92 -13.97 -9.78 5.58
C GLN B 92 -12.85 -9.63 6.61
N GLY B 93 -12.10 -10.70 6.84
CA GLY B 93 -11.01 -10.66 7.81
C GLY B 93 -9.64 -10.64 7.17
N TYR B 94 -8.61 -10.39 7.99
CA TYR B 94 -7.23 -10.41 7.52
C TYR B 94 -6.86 -11.80 7.00
N CYS B 95 -6.09 -11.84 5.93
CA CYS B 95 -5.53 -13.09 5.45
C CYS B 95 -4.03 -13.10 5.71
N ASP B 96 -3.33 -14.11 5.21
CA ASP B 96 -1.88 -14.17 5.32
C ASP B 96 -1.26 -12.96 4.61
N SER B 97 -0.13 -12.50 5.13
CA SER B 97 0.51 -11.28 4.62
C SER B 97 0.91 -11.41 3.15
N LYS B 98 1.28 -12.62 2.73
CA LYS B 98 1.64 -12.86 1.34
C LYS B 98 0.39 -13.01 0.48
N GLY B 99 -0.76 -13.23 1.12
CA GLY B 99 -2.02 -13.36 0.43
C GLY B 99 -2.68 -14.71 0.63
N LEU B 100 -3.85 -14.89 0.04
CA LEU B 100 -4.57 -16.15 0.11
C LEU B 100 -3.75 -17.28 -0.52
N TYR B 101 -3.84 -18.47 0.07
CA TYR B 101 -3.11 -19.61 -0.44
C TYR B 101 -3.57 -20.01 -1.84
N SER B 102 -4.88 -20.14 -2.00
CA SER B 102 -5.48 -20.56 -3.27
C SER B 102 -5.12 -19.61 -4.41
N ALA B 103 -5.08 -18.32 -4.11
CA ALA B 103 -4.71 -17.32 -5.10
C ALA B 103 -3.23 -17.45 -5.47
N ARG B 104 -2.39 -17.58 -4.46
CA ARG B 104 -0.95 -17.75 -4.67
C ARG B 104 -0.64 -19.09 -5.35
N LYS B 105 -1.48 -20.08 -5.08
CA LYS B 105 -1.34 -21.38 -5.72
C LYS B 105 -1.64 -21.26 -7.22
N ALA B 106 -2.63 -20.43 -7.55
CA ALA B 106 -3.01 -20.22 -8.94
C ALA B 106 -1.91 -19.48 -9.69
N ILE B 107 -1.30 -18.51 -9.01
CA ILE B 107 -0.19 -17.76 -9.58
C ILE B 107 1.01 -18.67 -9.80
N MET B 108 1.24 -19.56 -8.82
CA MET B 108 2.33 -20.53 -8.90
C MET B 108 2.21 -21.42 -10.13
N GLN B 109 1.04 -22.02 -10.32
CA GLN B 109 0.79 -22.91 -11.44
C GLN B 109 0.91 -22.19 -12.78
N HIS B 110 0.50 -20.92 -12.79
CA HIS B 110 0.58 -20.11 -14.00
C HIS B 110 2.01 -19.96 -14.50
N TYR B 111 2.93 -19.72 -13.57
CA TYR B 111 4.33 -19.51 -13.92
C TYR B 111 5.08 -20.84 -14.06
N GLN B 112 4.56 -21.89 -13.43
CA GLN B 112 5.15 -23.21 -13.56
C GLN B 112 4.94 -23.76 -14.97
N ALA B 113 3.94 -23.23 -15.66
CA ALA B 113 3.65 -23.63 -17.04
C ALA B 113 4.49 -22.83 -18.02
N ARG B 114 5.42 -22.04 -17.50
CA ARG B 114 6.30 -21.22 -18.33
C ARG B 114 7.77 -21.55 -18.10
N GLY B 115 8.04 -22.57 -17.29
CA GLY B 115 9.41 -22.99 -17.03
C GLY B 115 9.96 -22.49 -15.69
N MET B 116 9.08 -21.96 -14.86
CA MET B 116 9.47 -21.53 -13.52
C MET B 116 8.96 -22.55 -12.50
N ARG B 117 9.44 -23.78 -12.64
CA ARG B 117 8.93 -24.92 -11.89
C ARG B 117 9.19 -24.84 -10.39
N ASP B 118 10.33 -24.27 -10.01
CA ASP B 118 10.73 -24.26 -8.61
C ASP B 118 10.07 -23.15 -7.80
N VAL B 119 9.12 -22.45 -8.42
CA VAL B 119 8.37 -21.43 -7.71
C VAL B 119 7.38 -22.06 -6.74
N THR B 120 7.46 -21.68 -5.47
CA THR B 120 6.50 -22.14 -4.48
C THR B 120 5.61 -20.97 -4.06
N VAL B 121 4.57 -21.25 -3.29
CA VAL B 121 3.65 -20.22 -2.85
C VAL B 121 4.33 -19.23 -1.91
N GLU B 122 5.43 -19.65 -1.31
CA GLU B 122 6.18 -18.79 -0.40
C GLU B 122 7.09 -17.82 -1.14
N ASP B 123 7.15 -17.96 -2.46
CA ASP B 123 7.94 -17.06 -3.30
C ASP B 123 7.05 -15.98 -3.91
N ILE B 124 5.77 -16.00 -3.58
CA ILE B 124 4.79 -15.12 -4.20
C ILE B 124 4.16 -14.15 -3.19
N TYR B 125 4.17 -12.87 -3.55
CA TYR B 125 3.57 -11.83 -2.72
C TYR B 125 2.43 -11.13 -3.45
N ILE B 126 1.24 -11.15 -2.86
CA ILE B 126 0.11 -10.43 -3.43
C ILE B 126 -0.06 -9.10 -2.71
N GLY B 127 -0.17 -8.02 -3.49
CA GLY B 127 -0.29 -6.68 -2.94
C GLY B 127 -1.44 -5.89 -3.53
N ASN B 128 -1.66 -4.70 -3.00
CA ASN B 128 -2.69 -3.80 -3.52
C ASN B 128 -2.27 -3.23 -4.86
N GLY B 129 -2.27 -4.06 -5.88
CA GLY B 129 -1.77 -3.68 -7.19
C GLY B 129 -0.27 -3.88 -7.24
N VAL B 130 0.27 -3.91 -8.46
CA VAL B 130 1.70 -4.05 -8.66
C VAL B 130 2.45 -2.85 -8.06
N SER B 131 1.78 -1.69 -8.06
CA SER B 131 2.36 -0.44 -7.59
C SER B 131 2.94 -0.55 -6.18
N GLU B 132 2.20 -1.18 -5.28
CA GLU B 132 2.64 -1.32 -3.90
C GLU B 132 3.87 -2.21 -3.80
N LEU B 133 3.88 -3.27 -4.61
CA LEU B 133 4.96 -4.25 -4.57
C LEU B 133 6.26 -3.72 -5.16
N ILE B 134 6.13 -2.88 -6.19
CA ILE B 134 7.29 -2.23 -6.78
C ILE B 134 8.01 -1.41 -5.71
N VAL B 135 7.25 -0.64 -4.96
CA VAL B 135 7.80 0.17 -3.88
C VAL B 135 8.44 -0.72 -2.80
N GLN B 136 7.71 -1.74 -2.37
CA GLN B 136 8.20 -2.65 -1.33
C GLN B 136 9.49 -3.36 -1.76
N ALA B 137 9.57 -3.75 -3.02
CA ALA B 137 10.75 -4.45 -3.52
C ALA B 137 12.00 -3.57 -3.46
N MET B 138 11.82 -2.27 -3.66
CA MET B 138 12.93 -1.33 -3.65
C MET B 138 13.29 -0.89 -2.23
N GLN B 139 12.27 -0.75 -1.38
CA GLN B 139 12.48 -0.35 0.01
C GLN B 139 13.34 -1.36 0.76
N ALA B 140 13.12 -2.64 0.50
CA ALA B 140 13.83 -3.70 1.19
C ALA B 140 15.22 -3.95 0.62
N LEU B 141 15.52 -3.32 -0.51
CA LEU B 141 16.77 -3.59 -1.21
C LEU B 141 17.80 -2.46 -1.11
N LEU B 142 17.40 -1.26 -1.51
CA LEU B 142 18.34 -0.16 -1.74
C LEU B 142 18.80 0.59 -0.50
N ASN B 143 20.08 0.96 -0.50
CA ASN B 143 20.64 1.87 0.50
C ASN B 143 21.11 3.16 -0.17
N SER B 144 21.54 4.12 0.64
CA SER B 144 22.09 5.37 0.10
C SER B 144 23.32 5.06 -0.75
N GLY B 145 23.31 5.53 -1.99
CA GLY B 145 24.41 5.29 -2.90
C GLY B 145 24.13 4.21 -3.91
N ASP B 146 23.23 3.29 -3.56
CA ASP B 146 22.88 2.19 -4.46
C ASP B 146 22.22 2.71 -5.72
N GLU B 147 22.53 2.08 -6.85
CA GLU B 147 21.98 2.48 -8.14
C GLU B 147 21.12 1.38 -8.74
N MET B 148 20.04 1.79 -9.41
CA MET B 148 19.19 0.85 -10.16
C MET B 148 19.14 1.26 -11.63
N LEU B 149 19.37 0.30 -12.52
CA LEU B 149 19.25 0.55 -13.95
C LEU B 149 17.78 0.56 -14.35
N VAL B 150 17.32 1.72 -14.81
CA VAL B 150 15.92 1.93 -15.15
C VAL B 150 15.82 2.37 -16.61
N PRO B 151 14.88 1.81 -17.38
CA PRO B 151 14.80 2.20 -18.79
C PRO B 151 14.40 3.66 -18.98
N ALA B 152 14.83 4.25 -20.09
CA ALA B 152 14.37 5.57 -20.51
C ALA B 152 13.87 5.48 -21.95
N PRO B 153 12.58 5.77 -22.17
CA PRO B 153 11.58 6.23 -21.20
C PRO B 153 11.13 5.14 -20.24
N ASP B 154 10.74 5.52 -19.03
CA ASP B 154 10.37 4.57 -17.99
C ASP B 154 8.87 4.52 -17.75
N TYR B 155 8.46 3.63 -16.85
CA TYR B 155 7.20 3.81 -16.15
C TYR B 155 7.56 4.57 -14.87
N PRO B 156 7.02 5.79 -14.72
CA PRO B 156 7.51 6.77 -13.72
C PRO B 156 7.54 6.28 -12.27
N LEU B 157 6.75 5.25 -11.94
CA LEU B 157 6.76 4.73 -10.58
C LEU B 157 8.10 4.08 -10.25
N TRP B 158 8.69 3.41 -11.23
CA TRP B 158 9.95 2.71 -11.02
C TRP B 158 11.06 3.68 -10.62
N THR B 159 11.13 4.83 -11.29
CA THR B 159 12.09 5.87 -10.94
C THR B 159 11.79 6.43 -9.56
N ALA B 160 10.51 6.69 -9.31
CA ALA B 160 10.08 7.25 -8.02
C ALA B 160 10.34 6.28 -6.88
N ALA B 161 10.06 4.99 -7.10
CA ALA B 161 10.25 3.97 -6.07
C ALA B 161 11.72 3.86 -5.67
N VAL B 162 12.61 3.86 -6.66
CA VAL B 162 14.04 3.79 -6.41
C VAL B 162 14.52 5.00 -5.60
N SER B 163 14.06 6.18 -5.99
CA SER B 163 14.41 7.42 -5.29
C SER B 163 13.86 7.43 -3.87
N LEU B 164 12.63 6.98 -3.72
CA LEU B 164 11.97 6.92 -2.41
C LEU B 164 12.72 5.98 -1.45
N SER B 165 13.34 4.95 -2.02
CA SER B 165 14.08 3.96 -1.24
C SER B 165 15.52 4.39 -1.01
N SER B 166 15.79 5.67 -1.25
CA SER B 166 17.11 6.29 -1.07
C SER B 166 18.15 5.78 -2.08
N GLY B 167 17.70 5.12 -3.14
CA GLY B 167 18.58 4.72 -4.21
C GLY B 167 18.59 5.77 -5.30
N LYS B 168 19.44 5.58 -6.31
CA LYS B 168 19.46 6.47 -7.46
C LYS B 168 19.11 5.71 -8.73
N ALA B 169 18.14 6.25 -9.48
CA ALA B 169 17.75 5.64 -10.74
C ALA B 169 18.71 6.07 -11.85
N VAL B 170 19.47 5.12 -12.37
CA VAL B 170 20.35 5.37 -13.50
C VAL B 170 19.65 4.90 -14.77
N HIS B 171 19.33 5.84 -15.65
CA HIS B 171 18.53 5.53 -16.83
C HIS B 171 19.35 5.06 -18.03
N TYR B 172 19.08 3.84 -18.47
CA TYR B 172 19.67 3.36 -19.72
C TYR B 172 18.71 3.66 -20.86
N LEU B 173 19.27 4.06 -22.00
CA LEU B 173 18.45 4.49 -23.13
C LEU B 173 17.84 3.33 -23.90
N CYS B 174 16.60 3.52 -24.33
CA CYS B 174 15.98 2.60 -25.28
C CYS B 174 16.08 3.21 -26.67
N ASP B 175 16.32 2.35 -27.67
CA ASP B 175 16.64 2.81 -29.02
C ASP B 175 15.43 2.81 -29.94
N GLU B 176 14.93 4.00 -30.25
CA GLU B 176 13.73 4.17 -31.08
C GLU B 176 13.93 3.62 -32.49
N SER B 177 15.15 3.71 -33.01
CA SER B 177 15.43 3.22 -34.35
C SER B 177 15.51 1.69 -34.36
N SER B 178 15.54 1.09 -33.18
CA SER B 178 15.55 -0.36 -33.04
C SER B 178 14.28 -0.84 -32.35
N ASP B 179 13.14 -0.27 -32.72
CA ASP B 179 11.83 -0.64 -32.19
C ASP B 179 11.77 -0.47 -30.68
N TRP B 180 12.41 0.57 -30.18
CA TRP B 180 12.45 0.89 -28.75
C TRP B 180 13.03 -0.22 -27.91
N PHE B 181 13.94 -1.01 -28.49
CA PHE B 181 14.69 -2.00 -27.73
C PHE B 181 15.75 -1.30 -26.90
N PRO B 182 16.00 -1.79 -25.68
CA PRO B 182 17.06 -1.25 -24.83
C PRO B 182 18.43 -1.25 -25.51
N ASP B 183 19.20 -0.20 -25.31
CA ASP B 183 20.56 -0.12 -25.86
C ASP B 183 21.51 -0.86 -24.93
N LEU B 184 21.97 -2.03 -25.38
CA LEU B 184 22.82 -2.90 -24.57
C LEU B 184 24.18 -2.26 -24.27
N ASP B 185 24.70 -1.51 -25.24
CA ASP B 185 25.98 -0.84 -25.06
C ASP B 185 25.85 0.31 -24.05
N ASP B 186 24.67 0.89 -23.98
CA ASP B 186 24.41 1.95 -23.01
C ASP B 186 24.29 1.38 -21.60
N ILE B 187 23.66 0.21 -21.50
CA ILE B 187 23.50 -0.47 -20.22
C ILE B 187 24.86 -0.86 -19.63
N ARG B 188 25.70 -1.47 -20.46
CA ARG B 188 27.03 -1.89 -20.03
C ARG B 188 27.88 -0.69 -19.60
N ALA B 189 27.69 0.43 -20.30
CA ALA B 189 28.48 1.62 -20.05
C ALA B 189 28.09 2.32 -18.76
N LYS B 190 26.86 2.08 -18.30
CA LYS B 190 26.33 2.78 -17.14
C LYS B 190 26.32 1.89 -15.89
N ILE B 191 26.93 0.72 -15.99
CA ILE B 191 27.07 -0.16 -14.84
C ILE B 191 28.25 0.28 -13.97
N THR B 192 27.96 0.58 -12.71
CA THR B 192 28.97 0.98 -11.75
C THR B 192 29.10 -0.10 -10.67
N PRO B 193 30.13 0.00 -9.80
CA PRO B 193 30.20 -0.96 -8.68
C PRO B 193 29.03 -0.83 -7.70
N ARG B 194 28.12 0.11 -7.95
CA ARG B 194 27.01 0.37 -7.05
C ARG B 194 25.68 -0.12 -7.60
N THR B 195 25.69 -0.58 -8.85
CA THR B 195 24.47 -1.09 -9.49
C THR B 195 24.01 -2.37 -8.80
N ARG B 196 22.78 -2.36 -8.29
CA ARG B 196 22.24 -3.51 -7.58
C ARG B 196 21.41 -4.39 -8.49
N GLY B 197 20.77 -3.77 -9.48
CA GLY B 197 19.94 -4.51 -10.42
C GLY B 197 19.51 -3.70 -11.62
N ILE B 198 18.70 -4.32 -12.48
CA ILE B 198 18.17 -3.66 -13.66
C ILE B 198 16.67 -3.91 -13.78
N VAL B 199 15.93 -2.85 -14.12
CA VAL B 199 14.49 -2.96 -14.31
C VAL B 199 14.15 -3.21 -15.78
N ILE B 200 13.35 -4.24 -16.02
CA ILE B 200 12.85 -4.53 -17.36
C ILE B 200 11.34 -4.41 -17.39
N ILE B 201 10.83 -3.55 -18.27
CA ILE B 201 9.39 -3.40 -18.45
C ILE B 201 9.00 -3.95 -19.81
N ASN B 202 8.47 -5.17 -19.82
CA ASN B 202 8.20 -5.88 -21.06
C ASN B 202 6.92 -6.71 -21.01
N PRO B 203 5.93 -6.39 -21.87
CA PRO B 203 5.88 -5.33 -22.89
C PRO B 203 5.98 -3.94 -22.27
N ASN B 204 6.50 -2.98 -23.05
CA ASN B 204 6.91 -1.71 -22.47
C ASN B 204 5.84 -0.62 -22.43
N ASN B 205 5.73 -0.03 -21.24
CA ASN B 205 5.06 1.25 -21.03
C ASN B 205 6.18 2.28 -20.94
N PRO B 206 6.15 3.33 -21.78
CA PRO B 206 5.11 3.76 -22.72
C PRO B 206 5.36 3.51 -24.21
N THR B 207 6.32 2.68 -24.58
CA THR B 207 6.66 2.52 -26.00
C THR B 207 5.84 1.44 -26.69
N GLY B 208 5.31 0.49 -25.93
CA GLY B 208 4.54 -0.59 -26.49
C GLY B 208 5.42 -1.65 -27.14
N ALA B 209 6.72 -1.58 -26.87
CA ALA B 209 7.66 -2.51 -27.46
C ALA B 209 7.55 -3.90 -26.85
N VAL B 210 7.74 -4.92 -27.67
CA VAL B 210 7.78 -6.30 -27.20
C VAL B 210 9.18 -6.86 -27.46
N TYR B 211 9.94 -7.07 -26.40
CA TYR B 211 11.34 -7.45 -26.52
C TYR B 211 11.50 -8.87 -27.06
N SER B 212 12.48 -9.06 -27.94
CA SER B 212 12.77 -10.37 -28.48
C SER B 212 13.46 -11.24 -27.44
N LYS B 213 13.40 -12.56 -27.62
CA LYS B 213 14.08 -13.48 -26.72
C LYS B 213 15.57 -13.24 -26.74
N GLU B 214 16.09 -12.94 -27.93
CA GLU B 214 17.53 -12.71 -28.14
C GLU B 214 18.04 -11.55 -27.29
N LEU B 215 17.29 -10.45 -27.26
CA LEU B 215 17.69 -9.29 -26.46
C LEU B 215 17.61 -9.62 -24.97
N LEU B 216 16.56 -10.34 -24.57
CA LEU B 216 16.37 -10.70 -23.18
C LEU B 216 17.49 -11.63 -22.71
N MET B 217 18.00 -12.45 -23.62
CA MET B 217 19.12 -13.33 -23.32
C MET B 217 20.41 -12.53 -23.12
N GLU B 218 20.51 -11.39 -23.81
CA GLU B 218 21.65 -10.50 -23.65
C GLU B 218 21.61 -9.80 -22.30
N ILE B 219 20.42 -9.39 -21.89
CA ILE B 219 20.22 -8.76 -20.58
C ILE B 219 20.64 -9.70 -19.46
N VAL B 220 20.22 -10.96 -19.56
CA VAL B 220 20.56 -11.98 -18.58
C VAL B 220 22.07 -12.12 -18.45
N GLU B 221 22.76 -12.20 -19.58
CA GLU B 221 24.22 -12.34 -19.58
C GLU B 221 24.88 -11.15 -18.89
N ILE B 222 24.35 -9.96 -19.15
CA ILE B 222 24.83 -8.75 -18.48
C ILE B 222 24.60 -8.83 -16.97
N ALA B 223 23.38 -9.23 -16.61
CA ALA B 223 23.00 -9.36 -15.20
C ALA B 223 23.83 -10.44 -14.50
N ARG B 224 24.09 -11.53 -15.22
CA ARG B 224 24.86 -12.64 -14.66
C ARG B 224 26.32 -12.23 -14.44
N GLN B 225 26.89 -11.54 -15.41
CA GLN B 225 28.28 -11.12 -15.34
C GLN B 225 28.52 -10.08 -14.26
N HIS B 226 27.57 -9.17 -14.08
CA HIS B 226 27.74 -8.06 -13.16
C HIS B 226 26.94 -8.22 -11.87
N ASN B 227 26.52 -9.46 -11.58
CA ASN B 227 25.90 -9.79 -10.31
C ASN B 227 24.65 -8.96 -10.02
N LEU B 228 23.79 -8.82 -11.04
CA LEU B 228 22.63 -7.94 -10.92
C LEU B 228 21.31 -8.71 -10.75
N ILE B 229 20.39 -8.12 -9.99
CA ILE B 229 19.04 -8.67 -9.84
C ILE B 229 18.13 -8.11 -10.93
N ILE B 230 17.45 -9.00 -11.63
CA ILE B 230 16.54 -8.57 -12.69
C ILE B 230 15.12 -8.38 -12.16
N PHE B 231 14.60 -7.16 -12.31
CA PHE B 231 13.21 -6.89 -11.97
C PHE B 231 12.38 -6.77 -13.24
N ALA B 232 11.43 -7.67 -13.41
CA ALA B 232 10.65 -7.74 -14.65
C ALA B 232 9.21 -7.32 -14.43
N ASP B 233 8.86 -6.13 -14.91
CA ASP B 233 7.49 -5.66 -14.91
C ASP B 233 6.78 -6.18 -16.16
N GLU B 234 6.04 -7.27 -16.01
CA GLU B 234 5.40 -7.94 -17.14
C GLU B 234 3.88 -7.86 -17.07
N ILE B 235 3.36 -6.71 -16.64
CA ILE B 235 1.93 -6.54 -16.41
C ILE B 235 1.13 -6.53 -17.72
N TYR B 236 1.80 -6.31 -18.84
CA TYR B 236 1.12 -6.30 -20.15
C TYR B 236 1.40 -7.54 -20.98
N ASP B 237 1.85 -8.61 -20.32
CA ASP B 237 2.36 -9.79 -21.03
C ASP B 237 1.30 -10.52 -21.85
N LYS B 238 0.02 -10.15 -21.69
CA LYS B 238 -1.04 -10.80 -22.45
C LYS B 238 -1.71 -9.84 -23.43
N ILE B 239 -1.34 -8.56 -23.36
CA ILE B 239 -1.82 -7.60 -24.35
C ILE B 239 -0.80 -7.49 -25.48
N LEU B 240 -0.93 -8.38 -26.45
CA LEU B 240 -0.03 -8.44 -27.60
C LEU B 240 -0.80 -8.36 -28.91
N TYR B 241 -0.22 -7.74 -29.92
CA TYR B 241 -0.89 -7.59 -31.20
C TYR B 241 -0.15 -8.32 -32.31
N ASP B 242 -0.89 -8.73 -33.34
CA ASP B 242 -0.32 -9.44 -34.49
C ASP B 242 0.39 -10.72 -34.08
N ASP B 243 1.66 -10.85 -34.46
CA ASP B 243 2.43 -12.05 -34.19
C ASP B 243 3.34 -11.87 -32.98
N ALA B 244 3.08 -10.84 -32.18
CA ALA B 244 3.91 -10.55 -31.02
C ALA B 244 3.93 -11.71 -30.03
N GLU B 245 5.11 -12.02 -29.53
CA GLU B 245 5.31 -13.15 -28.63
C GLU B 245 6.04 -12.71 -27.36
N HIS B 246 5.40 -12.89 -26.22
CA HIS B 246 6.01 -12.49 -24.95
C HIS B 246 6.92 -13.58 -24.40
N HIS B 247 8.12 -13.18 -24.00
CA HIS B 247 9.04 -14.07 -23.31
C HIS B 247 9.31 -13.55 -21.91
N SER B 248 8.99 -14.34 -20.90
CA SER B 248 9.34 -13.99 -19.52
C SER B 248 10.85 -14.18 -19.34
N ILE B 249 11.50 -13.20 -18.74
CA ILE B 249 12.96 -13.26 -18.59
C ILE B 249 13.37 -14.21 -17.47
N ALA B 250 12.44 -14.48 -16.55
CA ALA B 250 12.72 -15.33 -15.41
C ALA B 250 13.16 -16.75 -15.78
N PRO B 251 12.41 -17.44 -16.67
CA PRO B 251 12.89 -18.79 -17.00
C PRO B 251 14.08 -18.76 -17.97
N LEU B 252 14.43 -17.58 -18.47
CA LEU B 252 15.61 -17.42 -19.32
C LEU B 252 16.84 -17.17 -18.46
N ALA B 253 16.60 -16.90 -17.17
CA ALA B 253 17.68 -16.73 -16.20
C ALA B 253 17.48 -17.66 -15.00
N PRO B 254 17.58 -18.98 -15.24
CA PRO B 254 17.26 -19.95 -14.19
C PRO B 254 18.29 -19.97 -13.05
N ASP B 255 19.46 -19.42 -13.31
CA ASP B 255 20.55 -19.44 -12.33
C ASP B 255 20.65 -18.13 -11.56
N LEU B 256 19.79 -17.18 -11.89
CA LEU B 256 19.80 -15.87 -11.24
C LEU B 256 18.53 -15.62 -10.43
N LEU B 257 18.66 -14.84 -9.37
CA LEU B 257 17.50 -14.38 -8.64
C LEU B 257 16.80 -13.26 -9.40
N THR B 258 15.59 -13.54 -9.88
N THR B 258 15.59 -13.53 -9.87
CA THR B 258 14.80 -12.55 -10.61
CA THR B 258 14.82 -12.52 -10.58
C THR B 258 13.45 -12.33 -9.92
C THR B 258 13.48 -12.32 -9.89
N ILE B 259 12.90 -11.14 -10.08
CA ILE B 259 11.62 -10.80 -9.50
C ILE B 259 10.66 -10.30 -10.57
N THR B 260 9.54 -11.01 -10.74
CA THR B 260 8.61 -10.71 -11.82
C THR B 260 7.30 -10.16 -11.29
N PHE B 261 6.86 -9.04 -11.85
CA PHE B 261 5.61 -8.40 -11.43
C PHE B 261 4.52 -8.57 -12.49
N ASN B 262 3.30 -8.81 -12.03
CA ASN B 262 2.15 -8.91 -12.92
C ASN B 262 0.87 -8.74 -12.10
N GLY B 263 -0.26 -8.54 -12.77
CA GLY B 263 -1.51 -8.30 -12.06
C GLY B 263 -2.76 -8.36 -12.92
N LEU B 264 -3.87 -7.96 -12.32
CA LEU B 264 -5.18 -8.05 -12.97
C LEU B 264 -5.61 -6.72 -13.59
N SER B 265 -4.92 -5.65 -13.22
CA SER B 265 -5.32 -4.29 -13.57
C SER B 265 -5.59 -4.07 -15.05
N LYS B 266 -4.63 -4.40 -15.90
CA LYS B 266 -4.71 -4.09 -17.30
C LYS B 266 -5.32 -5.21 -18.07
N THR B 267 -4.71 -6.39 -18.00
CA THR B 267 -5.15 -7.54 -18.77
C THR B 267 -6.60 -7.93 -18.48
N TYR B 268 -6.99 -7.85 -17.22
CA TYR B 268 -8.34 -8.29 -16.84
C TYR B 268 -9.25 -7.12 -16.49
N ARG B 269 -8.77 -5.91 -16.76
CA ARG B 269 -9.58 -4.70 -16.69
C ARG B 269 -10.29 -4.51 -15.34
N VAL B 270 -9.54 -4.74 -14.27
CA VAL B 270 -10.05 -4.51 -12.91
C VAL B 270 -9.03 -3.71 -12.11
N ALA B 271 -8.58 -2.61 -12.69
CA ALA B 271 -7.59 -1.74 -12.07
C ALA B 271 -8.01 -1.27 -10.68
N GLY B 272 -9.30 -1.01 -10.51
CA GLY B 272 -9.82 -0.52 -9.24
C GLY B 272 -9.81 -1.53 -8.10
N PHE B 273 -9.70 -2.82 -8.45
CA PHE B 273 -9.69 -3.86 -7.42
C PHE B 273 -8.33 -3.92 -6.74
N ARG B 274 -7.33 -3.34 -7.40
CA ARG B 274 -5.94 -3.33 -6.93
C ARG B 274 -5.43 -4.74 -6.59
N GLN B 275 -5.16 -5.52 -7.63
CA GLN B 275 -4.64 -6.88 -7.45
C GLN B 275 -3.41 -7.11 -8.31
N GLY B 276 -2.27 -7.31 -7.65
CA GLY B 276 -1.03 -7.59 -8.34
C GLY B 276 -0.17 -8.55 -7.53
N TRP B 277 0.87 -9.08 -8.15
CA TRP B 277 1.76 -10.01 -7.47
C TRP B 277 3.20 -9.91 -7.95
N MET B 278 4.13 -10.29 -7.10
CA MET B 278 5.52 -10.44 -7.51
C MET B 278 6.03 -11.82 -7.15
N VAL B 279 6.77 -12.42 -8.07
CA VAL B 279 7.25 -13.79 -7.90
C VAL B 279 8.77 -13.84 -7.89
N LEU B 280 9.32 -14.42 -6.82
CA LEU B 280 10.76 -14.63 -6.72
C LEU B 280 11.13 -15.93 -7.42
N ASN B 281 12.10 -15.86 -8.32
CA ASN B 281 12.55 -17.03 -9.05
C ASN B 281 14.08 -17.12 -9.07
N GLY B 282 14.60 -18.35 -9.05
CA GLY B 282 16.03 -18.56 -9.06
C GLY B 282 16.56 -18.92 -7.69
N PRO B 283 17.89 -19.08 -7.56
CA PRO B 283 18.55 -19.34 -6.28
C PRO B 283 18.24 -18.23 -5.27
N LYS B 284 17.93 -18.61 -4.03
CA LYS B 284 17.40 -17.64 -3.08
C LYS B 284 18.06 -17.66 -1.69
N LYS B 285 18.90 -18.65 -1.43
CA LYS B 285 19.48 -18.78 -0.09
C LYS B 285 20.52 -17.71 0.18
N HIS B 286 21.09 -17.15 -0.88
CA HIS B 286 22.04 -16.05 -0.74
C HIS B 286 21.32 -14.73 -0.54
N ALA B 287 20.00 -14.76 -0.63
CA ALA B 287 19.20 -13.54 -0.50
C ALA B 287 18.16 -13.66 0.61
N LYS B 288 18.48 -14.45 1.64
CA LYS B 288 17.55 -14.67 2.76
C LYS B 288 17.31 -13.37 3.53
N GLY B 289 18.34 -12.54 3.66
CA GLY B 289 18.22 -11.26 4.32
C GLY B 289 17.24 -10.35 3.61
N TYR B 290 17.38 -10.24 2.29
CA TYR B 290 16.50 -9.42 1.48
C TYR B 290 15.07 -9.94 1.52
N ILE B 291 14.92 -11.26 1.54
CA ILE B 291 13.60 -11.89 1.58
C ILE B 291 12.89 -11.59 2.90
N GLU B 292 13.64 -11.66 4.00
CA GLU B 292 13.07 -11.31 5.31
C GLU B 292 12.61 -9.86 5.35
N GLY B 293 13.30 -9.00 4.59
CA GLY B 293 12.89 -7.62 4.46
C GLY B 293 11.55 -7.49 3.76
N LEU B 294 11.36 -8.28 2.71
CA LEU B 294 10.11 -8.28 1.97
C LEU B 294 8.97 -8.81 2.84
N GLU B 295 9.23 -9.91 3.53
CA GLU B 295 8.24 -10.50 4.44
C GLU B 295 7.92 -9.54 5.58
N MET B 296 8.89 -8.71 5.92
CA MET B 296 8.73 -7.69 6.95
C MET B 296 7.76 -6.60 6.50
N LEU B 297 7.98 -6.09 5.29
CA LEU B 297 7.15 -5.03 4.74
C LEU B 297 5.73 -5.51 4.46
N ALA B 298 5.59 -6.79 4.13
CA ALA B 298 4.28 -7.37 3.89
C ALA B 298 3.51 -7.54 5.20
N SER B 299 4.21 -7.94 6.25
CA SER B 299 3.61 -8.14 7.56
C SER B 299 3.14 -6.82 8.17
N MET B 300 3.87 -5.74 7.90
CA MET B 300 3.56 -4.42 8.46
C MET B 300 2.15 -3.93 8.16
N ARG B 301 1.75 -4.13 6.92
N ARG B 301 1.78 -4.16 6.92
CA ARG B 301 0.47 -3.63 6.49
CA ARG B 301 0.53 -3.66 6.44
C ARG B 301 -0.59 -4.71 6.66
C ARG B 301 -0.57 -4.71 6.67
N LEU B 302 -0.18 -5.82 7.24
CA LEU B 302 -1.03 -6.99 7.56
C LEU B 302 -1.40 -7.83 6.33
N CYS B 303 -2.09 -7.25 5.36
CA CYS B 303 -2.39 -7.96 4.12
C CYS B 303 -2.93 -7.03 3.04
N ALA B 304 -2.88 -7.49 1.79
CA ALA B 304 -3.53 -6.79 0.69
C ALA B 304 -5.03 -7.03 0.81
N ASN B 305 -5.83 -6.26 0.06
CA ASN B 305 -7.27 -6.43 0.11
C ASN B 305 -7.67 -7.84 -0.31
N VAL B 306 -8.56 -8.44 0.47
CA VAL B 306 -8.82 -9.88 0.39
C VAL B 306 -9.91 -10.31 -0.62
N PRO B 307 -11.08 -9.64 -0.66
CA PRO B 307 -12.13 -10.13 -1.55
C PRO B 307 -11.73 -10.27 -3.02
N ALA B 308 -10.93 -9.34 -3.53
CA ALA B 308 -10.55 -9.35 -4.93
C ALA B 308 -9.48 -10.41 -5.22
N GLN B 309 -8.88 -10.97 -4.18
CA GLN B 309 -7.88 -12.03 -4.36
C GLN B 309 -8.52 -13.31 -4.85
N HIS B 310 -9.82 -13.45 -4.61
CA HIS B 310 -10.56 -14.62 -5.09
C HIS B 310 -10.79 -14.57 -6.60
N ALA B 311 -10.48 -13.42 -7.20
CA ALA B 311 -10.64 -13.26 -8.64
C ALA B 311 -9.45 -13.80 -9.41
N ILE B 312 -8.30 -13.87 -8.75
CA ILE B 312 -7.04 -14.27 -9.38
C ILE B 312 -7.10 -15.66 -10.00
N GLN B 313 -7.66 -16.62 -9.25
CA GLN B 313 -7.73 -17.99 -9.72
C GLN B 313 -8.60 -18.12 -10.97
N THR B 314 -9.69 -17.36 -11.00
CA THR B 314 -10.60 -17.37 -12.14
C THR B 314 -9.98 -16.67 -13.35
N ALA B 315 -9.22 -15.62 -13.07
CA ALA B 315 -8.60 -14.83 -14.13
C ALA B 315 -7.52 -15.63 -14.87
N LEU B 316 -6.66 -16.29 -14.10
CA LEU B 316 -5.54 -17.03 -14.68
C LEU B 316 -5.97 -18.37 -15.28
N GLY B 317 -7.10 -18.89 -14.79
CA GLY B 317 -7.61 -20.16 -15.28
C GLY B 317 -8.71 -20.00 -16.30
N GLY B 318 -8.92 -21.04 -17.09
CA GLY B 318 -10.01 -21.06 -18.06
C GLY B 318 -9.86 -20.06 -19.19
N TYR B 319 -11.00 -19.64 -19.73
CA TYR B 319 -11.05 -18.79 -20.91
C TYR B 319 -10.44 -17.40 -20.68
N GLN B 320 -9.59 -16.97 -21.61
CA GLN B 320 -8.96 -15.66 -21.55
C GLN B 320 -9.68 -14.68 -22.48
N SER B 321 -10.48 -13.79 -21.89
CA SER B 321 -11.33 -12.88 -22.65
C SER B 321 -10.56 -11.80 -23.40
N ILE B 322 -9.30 -11.58 -23.01
CA ILE B 322 -8.47 -10.56 -23.62
C ILE B 322 -8.18 -10.88 -25.09
N SER B 323 -8.30 -12.17 -25.44
CA SER B 323 -8.03 -12.62 -26.80
C SER B 323 -8.95 -11.97 -27.82
N GLU B 324 -10.18 -11.67 -27.41
CA GLU B 324 -11.16 -11.06 -28.30
C GLU B 324 -10.83 -9.61 -28.61
N PHE B 325 -10.10 -8.95 -27.70
CA PHE B 325 -9.83 -7.53 -27.81
C PHE B 325 -8.59 -7.23 -28.65
N ILE B 326 -7.63 -8.14 -28.64
CA ILE B 326 -6.34 -7.89 -29.29
C ILE B 326 -6.24 -8.54 -30.67
N THR B 327 -7.22 -9.37 -31.00
CA THR B 327 -7.28 -10.00 -32.31
C THR B 327 -7.84 -9.00 -33.31
N PRO B 328 -7.54 -9.19 -34.62
CA PRO B 328 -8.15 -8.34 -35.66
C PRO B 328 -9.67 -8.27 -35.53
N GLY B 329 -10.20 -7.05 -35.44
CA GLY B 329 -11.61 -6.86 -35.19
C GLY B 329 -11.87 -6.40 -33.77
N GLY B 330 -11.03 -6.86 -32.84
CA GLY B 330 -11.12 -6.46 -31.46
C GLY B 330 -10.82 -4.98 -31.29
N ARG B 331 -11.48 -4.34 -30.33
CA ARG B 331 -11.39 -2.89 -30.20
C ARG B 331 -9.99 -2.39 -29.85
N LEU B 332 -9.23 -3.16 -29.08
CA LEU B 332 -7.87 -2.74 -28.74
C LEU B 332 -6.98 -2.78 -29.98
N TYR B 333 -7.17 -3.79 -30.82
CA TYR B 333 -6.43 -3.91 -32.06
C TYR B 333 -6.75 -2.75 -33.01
N GLU B 334 -8.05 -2.48 -33.17
CA GLU B 334 -8.50 -1.45 -34.11
C GLU B 334 -8.15 -0.04 -33.65
N GLN B 335 -8.24 0.20 -32.34
CA GLN B 335 -7.92 1.51 -31.78
C GLN B 335 -6.41 1.79 -31.92
N ARG B 336 -5.59 0.76 -31.71
CA ARG B 336 -4.15 0.88 -31.89
C ARG B 336 -3.82 1.22 -33.34
N ASN B 337 -4.49 0.54 -34.26
CA ASN B 337 -4.29 0.80 -35.69
C ASN B 337 -4.73 2.20 -36.08
N ARG B 338 -5.88 2.62 -35.58
CA ARG B 338 -6.42 3.94 -35.93
C ARG B 338 -5.53 5.06 -35.41
N ALA B 339 -5.12 4.96 -34.16
CA ALA B 339 -4.22 5.96 -33.57
C ALA B 339 -2.89 5.97 -34.30
N TRP B 340 -2.46 4.80 -34.75
CA TRP B 340 -1.22 4.66 -35.50
C TRP B 340 -1.28 5.40 -36.83
N GLU B 341 -2.37 5.22 -37.56
CA GLU B 341 -2.55 5.84 -38.86
C GLU B 341 -2.62 7.36 -38.76
N LEU B 342 -3.36 7.85 -37.77
CA LEU B 342 -3.60 9.28 -37.62
C LEU B 342 -2.35 10.03 -37.15
N ILE B 343 -1.60 9.42 -36.24
CA ILE B 343 -0.46 10.10 -35.65
C ILE B 343 0.69 10.26 -36.66
N ASN B 344 0.75 9.37 -37.64
CA ASN B 344 1.79 9.43 -38.66
C ASN B 344 1.39 10.34 -39.81
N ASP B 345 0.08 10.59 -39.93
CA ASP B 345 -0.44 11.46 -40.97
C ASP B 345 -0.40 12.91 -40.50
N ILE B 346 0.28 13.16 -39.40
CA ILE B 346 0.48 14.51 -38.88
C ILE B 346 1.88 15.00 -39.23
N PRO B 347 1.96 16.16 -39.90
CA PRO B 347 3.25 16.76 -40.26
C PRO B 347 4.10 17.09 -39.02
N GLY B 348 5.31 16.56 -38.97
CA GLY B 348 6.22 16.84 -37.87
C GLY B 348 6.17 15.81 -36.75
N VAL B 349 5.34 14.79 -36.92
CA VAL B 349 5.19 13.75 -35.91
C VAL B 349 5.36 12.35 -36.50
N SER B 350 6.19 11.54 -35.86
CA SER B 350 6.37 10.15 -36.24
C SER B 350 6.21 9.26 -35.01
N CYS B 351 6.19 7.95 -35.21
CA CYS B 351 6.01 7.02 -34.11
C CYS B 351 6.39 5.59 -34.50
N VAL B 352 6.86 4.83 -33.51
CA VAL B 352 7.12 3.41 -33.71
C VAL B 352 5.89 2.62 -33.27
N LYS B 353 5.39 1.75 -34.14
CA LYS B 353 4.14 1.05 -33.88
C LYS B 353 4.28 0.06 -32.73
N PRO B 354 3.39 0.18 -31.73
CA PRO B 354 3.41 -0.70 -30.56
C PRO B 354 2.96 -2.12 -30.89
N ARG B 355 3.71 -3.10 -30.41
CA ARG B 355 3.37 -4.50 -30.62
C ARG B 355 2.72 -5.08 -29.36
N GLY B 356 2.56 -4.24 -28.35
CA GLY B 356 1.94 -4.64 -27.10
C GLY B 356 1.51 -3.48 -26.24
N ALA B 357 0.93 -3.80 -25.09
CA ALA B 357 0.45 -2.81 -24.12
C ALA B 357 -0.61 -1.88 -24.72
N LEU B 358 -0.76 -0.69 -24.13
CA LEU B 358 -1.89 0.18 -24.44
C LEU B 358 -1.45 1.61 -24.78
N TYR B 359 -0.21 1.78 -25.19
CA TYR B 359 0.33 3.12 -25.39
C TYR B 359 1.07 3.31 -26.70
N MET B 360 1.26 4.57 -27.04
CA MET B 360 2.11 4.97 -28.15
C MET B 360 3.01 6.10 -27.66
N PHE B 361 4.24 6.14 -28.16
CA PHE B 361 5.21 7.14 -27.73
C PHE B 361 5.77 7.91 -28.93
N PRO B 362 4.93 8.75 -29.57
CA PRO B 362 5.33 9.44 -30.80
C PRO B 362 6.45 10.46 -30.59
N LYS B 363 7.33 10.56 -31.58
CA LYS B 363 8.35 11.60 -31.60
C LYS B 363 7.81 12.82 -32.32
N ILE B 364 8.16 14.01 -31.84
CA ILE B 364 7.71 15.24 -32.47
C ILE B 364 8.92 16.11 -32.83
N ASP B 365 8.84 16.76 -34.00
CA ASP B 365 9.92 17.63 -34.45
C ASP B 365 9.99 18.86 -33.55
N ALA B 366 10.79 18.77 -32.50
CA ALA B 366 10.88 19.83 -31.50
C ALA B 366 11.34 21.15 -32.11
N LYS B 367 12.23 21.07 -33.10
CA LYS B 367 12.75 22.26 -33.75
C LYS B 367 11.70 22.98 -34.59
N ARG B 368 10.85 22.21 -35.26
CA ARG B 368 9.82 22.76 -36.14
C ARG B 368 8.81 23.61 -35.38
N PHE B 369 8.49 23.19 -34.16
CA PHE B 369 7.50 23.89 -33.35
C PHE B 369 8.15 24.71 -32.24
N ASN B 370 9.48 24.75 -32.25
CA ASN B 370 10.26 25.46 -31.24
C ASN B 370 9.89 25.01 -29.82
N ILE B 371 9.89 23.71 -29.61
CA ILE B 371 9.52 23.15 -28.32
C ILE B 371 10.74 22.94 -27.43
N HIS B 372 10.83 23.73 -26.38
CA HIS B 372 11.91 23.60 -25.40
C HIS B 372 11.39 22.99 -24.11
N ASP B 373 10.07 23.08 -23.92
CA ASP B 373 9.39 22.51 -22.75
C ASP B 373 8.23 21.67 -23.24
N ASP B 374 8.38 20.35 -23.19
CA ASP B 374 7.35 19.46 -23.71
C ASP B 374 6.10 19.46 -22.81
N GLN B 375 6.29 19.82 -21.55
CA GLN B 375 5.15 19.93 -20.64
C GLN B 375 4.28 21.12 -21.04
N LYS B 376 4.92 22.20 -21.47
CA LYS B 376 4.22 23.40 -21.90
C LYS B 376 3.36 23.12 -23.13
N MET B 377 3.90 22.31 -24.04
CA MET B 377 3.18 21.90 -25.24
C MET B 377 1.91 21.13 -24.85
N VAL B 378 2.07 20.18 -23.93
CA VAL B 378 0.95 19.41 -23.42
C VAL B 378 -0.09 20.33 -22.81
N LEU B 379 0.37 21.33 -22.06
CA LEU B 379 -0.51 22.29 -21.41
C LEU B 379 -1.23 23.16 -22.44
N ASP B 380 -0.52 23.62 -23.45
CA ASP B 380 -1.10 24.46 -24.49
C ASP B 380 -2.14 23.68 -25.30
N PHE B 381 -1.85 22.41 -25.55
CA PHE B 381 -2.78 21.53 -26.26
C PHE B 381 -4.04 21.31 -25.42
N LEU B 382 -3.85 21.15 -24.12
CA LEU B 382 -4.98 20.97 -23.20
C LEU B 382 -5.89 22.20 -23.19
N LEU B 383 -5.29 23.39 -23.09
CA LEU B 383 -6.07 24.62 -22.98
C LEU B 383 -6.83 24.95 -24.25
N GLN B 384 -6.28 24.56 -25.40
CA GLN B 384 -6.89 24.89 -26.68
C GLN B 384 -7.95 23.86 -27.12
N GLU B 385 -7.60 22.58 -27.05
CA GLU B 385 -8.46 21.55 -27.62
C GLU B 385 -9.10 20.63 -26.58
N LYS B 386 -8.79 20.87 -25.30
CA LYS B 386 -9.38 20.13 -24.18
C LYS B 386 -9.06 18.64 -24.29
N VAL B 387 -7.83 18.33 -24.68
CA VAL B 387 -7.33 16.96 -24.72
C VAL B 387 -6.07 16.86 -23.88
N LEU B 388 -5.98 15.83 -23.05
CA LEU B 388 -4.88 15.69 -22.11
C LEU B 388 -3.90 14.58 -22.49
N LEU B 389 -2.66 14.97 -22.75
CA LEU B 389 -1.59 14.02 -23.03
C LEU B 389 -0.57 14.03 -21.88
N VAL B 390 0.45 13.19 -22.00
CA VAL B 390 1.56 13.22 -21.05
C VAL B 390 2.86 13.48 -21.79
N GLN B 391 3.62 14.48 -21.33
CA GLN B 391 4.88 14.82 -21.96
C GLN B 391 5.92 13.72 -21.74
N GLY B 392 6.84 13.59 -22.69
CA GLY B 392 7.84 12.53 -22.67
C GLY B 392 8.83 12.62 -21.52
N THR B 393 9.11 13.84 -21.07
CA THR B 393 10.06 14.03 -19.98
C THR B 393 9.50 13.52 -18.66
N ALA B 394 8.18 13.34 -18.59
CA ALA B 394 7.56 12.77 -17.41
C ALA B 394 7.93 11.30 -17.28
N PHE B 395 8.40 10.72 -18.37
CA PHE B 395 8.87 9.34 -18.37
C PHE B 395 10.41 9.31 -18.39
N ASN B 396 11.00 10.42 -17.96
CA ASN B 396 12.45 10.58 -17.87
C ASN B 396 13.17 10.45 -19.21
N TRP B 397 12.50 10.80 -20.30
CA TRP B 397 13.18 10.92 -21.57
C TRP B 397 13.95 12.24 -21.57
N PRO B 398 15.27 12.17 -21.83
CA PRO B 398 16.20 13.30 -21.68
C PRO B 398 15.87 14.52 -22.55
N TRP B 399 15.03 14.34 -23.56
CA TRP B 399 14.73 15.43 -24.49
C TRP B 399 13.22 15.70 -24.57
N PRO B 400 12.84 16.95 -24.86
CA PRO B 400 11.42 17.33 -24.95
C PRO B 400 10.83 17.09 -26.34
N ASP B 401 11.12 15.94 -26.94
CA ASP B 401 10.68 15.67 -28.30
C ASP B 401 9.73 14.48 -28.40
N HIS B 402 9.20 14.04 -27.25
CA HIS B 402 8.28 12.92 -27.22
C HIS B 402 7.08 13.18 -26.31
N PHE B 403 6.04 12.38 -26.49
CA PHE B 403 4.89 12.38 -25.59
C PHE B 403 4.22 11.01 -25.66
N ARG B 404 3.28 10.75 -24.77
CA ARG B 404 2.61 9.45 -24.73
C ARG B 404 1.10 9.58 -24.83
N ILE B 405 0.49 8.74 -25.67
CA ILE B 405 -0.95 8.66 -25.77
C ILE B 405 -1.43 7.26 -25.41
N VAL B 406 -2.63 7.17 -24.86
CA VAL B 406 -3.21 5.88 -24.52
C VAL B 406 -4.17 5.44 -25.63
N THR B 407 -4.16 4.14 -25.95
CA THR B 407 -4.95 3.62 -27.05
C THR B 407 -6.28 3.02 -26.58
N LEU B 408 -6.59 3.19 -25.31
CA LEU B 408 -7.86 2.73 -24.74
C LEU B 408 -9.14 3.40 -25.30
N PRO B 409 -9.12 4.72 -25.59
CA PRO B 409 -10.36 5.35 -26.04
C PRO B 409 -10.97 4.76 -27.31
N ARG B 410 -12.28 4.89 -27.46
CA ARG B 410 -12.98 4.45 -28.67
C ARG B 410 -12.39 5.14 -29.89
N VAL B 411 -12.52 4.49 -31.05
CA VAL B 411 -11.98 5.01 -32.30
C VAL B 411 -12.48 6.43 -32.56
N ASP B 412 -13.76 6.67 -32.28
CA ASP B 412 -14.36 8.00 -32.40
C ASP B 412 -13.61 9.03 -31.57
N ASP B 413 -13.29 8.68 -30.33
CA ASP B 413 -12.57 9.58 -29.44
C ASP B 413 -11.15 9.82 -29.92
N ILE B 414 -10.48 8.76 -30.36
CA ILE B 414 -9.13 8.85 -30.88
C ILE B 414 -9.08 9.76 -32.11
N GLU B 415 -10.04 9.57 -33.02
CA GLU B 415 -10.12 10.38 -34.22
C GLU B 415 -10.33 11.85 -33.90
N LEU B 416 -11.24 12.12 -32.97
CA LEU B 416 -11.56 13.49 -32.59
C LEU B 416 -10.38 14.19 -31.93
N SER B 417 -9.71 13.48 -31.02
CA SER B 417 -8.62 14.07 -30.25
C SER B 417 -7.36 14.26 -31.09
N LEU B 418 -7.13 13.35 -32.04
CA LEU B 418 -5.93 13.44 -32.88
C LEU B 418 -6.11 14.43 -34.02
N SER B 419 -7.35 14.68 -34.42
CA SER B 419 -7.62 15.72 -35.42
C SER B 419 -7.47 17.08 -34.76
N LYS B 420 -7.89 17.15 -33.49
CA LYS B 420 -7.67 18.34 -32.67
C LYS B 420 -6.18 18.61 -32.51
N PHE B 421 -5.42 17.53 -32.32
CA PHE B 421 -3.98 17.64 -32.15
C PHE B 421 -3.32 18.10 -33.45
N ALA B 422 -3.86 17.64 -34.58
CA ALA B 422 -3.34 18.05 -35.88
C ALA B 422 -3.64 19.52 -36.13
N ARG B 423 -4.84 19.95 -35.77
CA ARG B 423 -5.24 21.35 -35.91
C ARG B 423 -4.41 22.23 -34.97
N PHE B 424 -4.16 21.72 -33.77
CA PHE B 424 -3.36 22.43 -32.78
C PHE B 424 -1.93 22.64 -33.27
N LEU B 425 -1.32 21.56 -33.79
CA LEU B 425 0.07 21.62 -34.23
C LEU B 425 0.28 22.42 -35.51
N SER B 426 -0.76 22.54 -36.32
CA SER B 426 -0.66 23.24 -37.60
C SER B 426 -0.41 24.74 -37.41
N GLY B 427 -0.81 25.26 -36.25
CA GLY B 427 -0.61 26.65 -35.93
C GLY B 427 0.09 26.84 -34.60
N TYR B 428 0.88 25.86 -34.21
CA TYR B 428 1.57 25.91 -32.91
C TYR B 428 3.06 26.19 -33.05
N HIS B 429 3.46 27.36 -32.55
CA HIS B 429 4.86 27.68 -32.39
C HIS B 429 5.09 28.04 -30.92
N GLN B 430 5.70 27.12 -30.17
CA GLN B 430 5.85 27.29 -28.73
C GLN B 430 6.65 28.54 -28.38
N LEU B 431 6.10 29.35 -27.49
CA LEU B 431 6.77 30.58 -27.06
C LEU B 431 7.59 30.34 -25.80
#